data_3ETT
#
_entry.id   3ETT
#
_cell.length_a   181.503
_cell.length_b   181.503
_cell.length_c   99.984
_cell.angle_alpha   90.00
_cell.angle_beta   90.00
_cell.angle_gamma   120.00
#
_symmetry.space_group_name_H-M   'P 32 1 2'
#
loop_
_entity.id
_entity.type
_entity.pdbx_description
1 polymer 'Arylsulfate sulfotransferase'
2 non-polymer P-NITROPHENOL
3 non-polymer 'SULFATE ION'
4 water water
#
_entity_poly.entity_id   1
_entity_poly.type   'polypeptide(L)'
_entity_poly.pdbx_seq_one_letter_code
;AGFKPAPPAGQLGAVIVDPYGNAPLTALVDLDSHVISDVKVTVHGKGEKGVEISYPVGQESLKTYDGVPIFGLYQKFANK
VTVEWKENGKVMKDDYVVHTSAIVNNYMDNRSISDLQQTKVIKVAPGFEDRLYLVNTHTFTAQGSDLHWHGEKDKNAGIL
DAGPATGALPFDIAPFTFIVDTEGEYRWWLDQDTFYDGRDRDINKRGYLMGIRETPRGTFTAVQGQHWYEFDMMGQVLED
HKLPRGFADATHESIETPNGTVLLRVGKSNYRRDDGVHVTTIRDHILEVDKSGRVVDVWDLTKILDPKRDALLGALDAGA
VCVNVDLAHAGQQAKLEPDTPFGDALGVGPGRNWAHVNSIAYDAKDDSIILSSRHQGVVKIGRDKQVKWILAPSKGWEKP
LASKLLKPVDANGKPITCNENGLCENSDFDFTYTQ(HS8)TAWISSKGTLTIFDNGDGRHLEQPALPTMKYSRFVEYKID
EKKGTVQQVWEYGKERGYDFYSPITSIIEYQADRNTMFGFGGSIHLFDVGQPTVGKLNEIDYKTKEVKVEIDVLSDKPNQ
THYRALLVRPQQMFK
;
_entity_poly.pdbx_strand_id   A,B
#
loop_
_chem_comp.id
_chem_comp.type
_chem_comp.name
_chem_comp.formula
NPO non-polymer P-NITROPHENOL 'C6 H5 N O3'
SO4 non-polymer 'SULFATE ION' 'O4 S -2'
#
# COMPACT_ATOMS: atom_id res chain seq x y z
CA ALA A 1 37.63 10.50 4.34
C ALA A 1 36.25 10.60 5.04
N GLY A 2 35.35 9.65 4.74
CA GLY A 2 34.04 9.61 5.38
C GLY A 2 34.06 8.85 6.70
N PHE A 3 32.92 8.22 7.02
CA PHE A 3 32.81 7.29 8.07
C PHE A 3 32.38 5.99 7.42
N LYS A 4 33.07 4.92 7.76
CA LYS A 4 32.80 3.67 7.13
C LYS A 4 31.58 3.05 7.82
N PRO A 5 30.88 2.18 7.09
CA PRO A 5 29.82 1.42 7.67
C PRO A 5 30.36 0.43 8.67
N ALA A 6 29.54 0.07 9.63
CA ALA A 6 29.81 -1.06 10.51
C ALA A 6 30.36 -2.22 9.72
N PRO A 7 31.45 -2.85 10.20
CA PRO A 7 32.03 -3.96 9.49
C PRO A 7 31.32 -5.24 9.75
N PRO A 8 31.63 -6.26 8.99
CA PRO A 8 30.91 -7.52 9.23
C PRO A 8 31.21 -8.11 10.57
N ALA A 9 30.19 -8.71 11.17
CA ALA A 9 30.23 -9.20 12.56
C ALA A 9 30.93 -10.57 12.56
N GLY A 10 30.47 -11.46 11.70
CA GLY A 10 31.10 -12.73 11.54
C GLY A 10 31.29 -13.09 10.10
N GLN A 11 30.50 -14.03 9.60
CA GLN A 11 30.69 -14.55 8.28
C GLN A 11 29.68 -13.99 7.23
N LEU A 12 28.79 -13.08 7.65
CA LEU A 12 27.87 -12.37 6.78
C LEU A 12 28.24 -10.91 6.95
N GLY A 13 27.27 -10.01 7.03
CA GLY A 13 27.61 -8.58 7.18
C GLY A 13 27.55 -8.07 8.59
N ALA A 14 27.43 -6.74 8.77
CA ALA A 14 27.22 -6.13 10.05
C ALA A 14 25.92 -6.56 10.67
N VAL A 15 25.84 -6.45 12.00
CA VAL A 15 24.61 -6.68 12.79
C VAL A 15 24.08 -5.34 13.29
N ILE A 16 22.99 -4.92 12.68
CA ILE A 16 22.41 -3.58 12.90
C ILE A 16 21.27 -3.62 13.86
N VAL A 17 21.32 -2.76 14.90
CA VAL A 17 20.25 -2.84 15.86
C VAL A 17 19.12 -1.93 15.40
N ASP A 18 17.86 -2.43 15.37
CA ASP A 18 16.72 -1.60 15.07
C ASP A 18 16.93 -0.89 13.72
N PRO A 19 17.08 -1.67 12.66
CA PRO A 19 17.36 -1.12 11.34
C PRO A 19 16.33 -0.07 10.87
N TYR A 20 15.02 -0.31 11.08
CA TYR A 20 13.98 0.62 10.68
C TYR A 20 13.68 1.71 11.66
N GLY A 21 14.15 1.59 12.90
CA GLY A 21 14.05 2.74 13.81
C GLY A 21 12.80 2.70 14.64
N ASN A 22 12.02 1.65 14.47
CA ASN A 22 10.76 1.56 15.20
C ASN A 22 10.64 0.38 16.19
N ALA A 23 11.67 -0.46 16.26
CA ALA A 23 11.63 -1.68 17.07
C ALA A 23 12.98 -1.88 17.76
N PRO A 24 13.20 -1.20 18.92
CA PRO A 24 14.53 -1.25 19.52
C PRO A 24 15.08 -2.62 20.04
N LEU A 25 14.23 -3.66 20.10
CA LEU A 25 14.62 -4.99 20.57
C LEU A 25 14.69 -5.94 19.40
N THR A 26 15.06 -5.38 18.25
CA THR A 26 15.27 -6.17 17.02
C THR A 26 16.61 -5.74 16.47
N ALA A 27 17.12 -6.60 15.63
CA ALA A 27 18.38 -6.38 14.93
C ALA A 27 18.32 -7.07 13.57
N LEU A 28 19.32 -6.79 12.79
CA LEU A 28 19.38 -7.31 11.41
C LEU A 28 20.81 -7.66 11.07
N VAL A 29 21.03 -8.91 10.69
CA VAL A 29 22.31 -9.31 10.11
C VAL A 29 22.34 -9.02 8.60
N ASP A 30 23.14 -8.03 8.22
CA ASP A 30 23.22 -7.67 6.82
C ASP A 30 23.80 -8.80 6.01
N LEU A 31 23.22 -9.02 4.85
CA LEU A 31 23.51 -10.17 3.98
C LEU A 31 24.87 -9.95 3.31
N ASP A 32 25.28 -8.69 3.15
CA ASP A 32 26.54 -8.34 2.48
C ASP A 32 26.80 -9.20 1.22
N SER A 33 25.77 -9.39 0.41
CA SER A 33 25.85 -10.09 -0.88
C SER A 33 26.00 -11.60 -0.81
N HIS A 34 25.90 -12.17 0.38
CA HIS A 34 25.99 -13.63 0.49
C HIS A 34 24.71 -14.29 0.04
N VAL A 35 24.84 -15.46 -0.54
CA VAL A 35 23.65 -16.17 -1.05
C VAL A 35 23.43 -17.31 -0.09
N ILE A 36 22.36 -17.24 0.70
CA ILE A 36 22.10 -18.21 1.75
C ILE A 36 20.67 -18.79 1.72
N SER A 37 20.50 -19.86 2.45
CA SER A 37 19.22 -20.55 2.54
C SER A 37 19.14 -21.32 3.86
N ASP A 38 18.04 -22.04 4.02
CA ASP A 38 17.71 -22.71 5.27
C ASP A 38 18.19 -21.92 6.52
N VAL A 39 17.65 -20.71 6.69
CA VAL A 39 18.10 -19.82 7.78
C VAL A 39 17.29 -20.08 9.06
N LYS A 40 17.99 -20.05 10.19
CA LYS A 40 17.37 -20.24 11.51
C LYS A 40 18.02 -19.29 12.52
N VAL A 41 17.18 -18.58 13.28
CA VAL A 41 17.68 -17.70 14.34
C VAL A 41 17.26 -18.22 15.74
N THR A 42 18.18 -18.11 16.70
CA THR A 42 17.93 -18.45 18.11
C THR A 42 18.42 -17.30 18.97
N VAL A 43 17.50 -16.66 19.68
CA VAL A 43 17.88 -15.73 20.75
C VAL A 43 17.82 -16.53 22.08
N HIS A 44 18.95 -16.59 22.79
CA HIS A 44 19.09 -17.43 23.99
C HIS A 44 18.42 -16.76 25.18
N GLY A 45 17.74 -17.56 26.02
CA GLY A 45 17.23 -17.09 27.27
C GLY A 45 18.26 -16.33 28.12
N LYS A 46 17.77 -15.37 28.89
CA LYS A 46 18.58 -14.61 29.80
C LYS A 46 18.48 -15.29 31.17
N GLY A 47 19.60 -15.74 31.69
CA GLY A 47 19.63 -16.35 33.00
C GLY A 47 19.09 -17.75 32.95
N GLU A 48 19.14 -18.35 34.12
CA GLU A 48 18.64 -19.67 34.44
C GLU A 48 17.28 -20.02 33.83
N LYS A 49 16.27 -19.22 34.10
CA LYS A 49 14.92 -19.52 33.62
C LYS A 49 14.49 -18.77 32.32
N GLY A 50 15.44 -18.07 31.66
CA GLY A 50 15.18 -17.25 30.48
C GLY A 50 14.57 -18.08 29.36
N VAL A 51 13.61 -17.50 28.65
CA VAL A 51 12.95 -18.15 27.50
C VAL A 51 13.74 -17.95 26.19
N GLU A 52 14.02 -19.05 25.52
CA GLU A 52 14.64 -19.03 24.23
C GLU A 52 13.58 -18.66 23.18
N ILE A 53 13.98 -17.88 22.18
CA ILE A 53 13.12 -17.60 21.00
C ILE A 53 13.85 -18.12 19.78
N SER A 54 13.18 -18.95 19.01
CA SER A 54 13.82 -19.59 17.87
C SER A 54 12.83 -19.60 16.74
N TYR A 55 13.29 -19.39 15.50
CA TYR A 55 12.38 -19.38 14.34
C TYR A 55 13.19 -19.53 13.06
N PRO A 56 12.55 -20.06 12.00
CA PRO A 56 13.10 -20.00 10.66
C PRO A 56 12.82 -18.64 9.98
N VAL A 57 13.63 -18.31 8.96
CA VAL A 57 13.50 -17.10 8.15
C VAL A 57 13.41 -17.48 6.68
N GLY A 58 12.24 -17.21 6.07
CA GLY A 58 12.02 -17.44 4.64
C GLY A 58 12.77 -16.55 3.67
N GLN A 59 12.83 -16.99 2.41
CA GLN A 59 13.53 -16.23 1.35
C GLN A 59 12.97 -14.84 1.11
N GLU A 60 11.64 -14.71 1.05
CA GLU A 60 11.04 -13.38 0.92
C GLU A 60 11.58 -12.38 1.93
N SER A 61 11.76 -12.85 3.16
CA SER A 61 12.19 -12.04 4.26
C SER A 61 13.63 -11.66 4.08
N LEU A 62 14.46 -12.63 3.69
CA LEU A 62 15.91 -12.33 3.42
C LEU A 62 16.06 -11.26 2.36
N LYS A 63 15.31 -11.48 1.29
CA LYS A 63 15.25 -10.48 0.18
C LYS A 63 14.68 -9.10 0.58
N THR A 64 13.61 -9.09 1.37
CA THR A 64 13.00 -7.84 1.79
C THR A 64 13.92 -7.06 2.71
N TYR A 65 14.51 -7.75 3.69
CA TYR A 65 15.42 -7.04 4.65
C TYR A 65 16.82 -6.92 4.17
N ASP A 66 17.15 -7.67 3.13
CA ASP A 66 18.50 -7.81 2.65
C ASP A 66 19.41 -8.23 3.83
N GLY A 67 18.91 -9.22 4.58
CA GLY A 67 19.53 -9.64 5.83
C GLY A 67 18.68 -10.58 6.63
N VAL A 68 19.26 -11.05 7.73
CA VAL A 68 18.57 -11.95 8.69
C VAL A 68 17.99 -11.15 9.84
N PRO A 69 16.67 -11.21 9.97
CA PRO A 69 15.96 -10.50 10.98
C PRO A 69 16.17 -11.23 12.35
N ILE A 70 16.52 -10.43 13.35
CA ILE A 70 16.68 -10.93 14.73
C ILE A 70 15.57 -10.29 15.59
N PHE A 71 14.65 -11.16 15.98
CA PHE A 71 13.55 -10.83 16.85
C PHE A 71 13.70 -11.52 18.24
N GLY A 72 13.27 -10.83 19.29
CA GLY A 72 13.20 -11.44 20.63
C GLY A 72 14.26 -11.03 21.61
N LEU A 73 14.88 -9.89 21.38
CA LEU A 73 15.94 -9.46 22.27
C LEU A 73 15.42 -8.90 23.59
N TYR A 74 16.31 -8.81 24.58
CA TYR A 74 15.97 -8.19 25.81
C TYR A 74 16.55 -6.77 25.76
N GLN A 75 15.90 -5.86 26.48
CA GLN A 75 16.37 -4.51 26.57
C GLN A 75 17.62 -4.42 27.37
N LYS A 76 18.46 -3.45 27.08
CA LYS A 76 19.56 -3.08 27.93
C LYS A 76 20.41 -4.31 28.30
N PHE A 77 20.70 -5.17 27.31
CA PHE A 77 21.28 -6.49 27.53
C PHE A 77 22.27 -6.89 26.43
N ALA A 78 23.28 -7.71 26.79
CA ALA A 78 24.21 -8.27 25.87
C ALA A 78 23.57 -9.58 25.40
N ASN A 79 22.65 -9.49 24.48
CA ASN A 79 21.92 -10.67 23.97
C ASN A 79 22.84 -11.61 23.28
N LYS A 80 22.59 -12.93 23.40
CA LYS A 80 23.40 -13.94 22.76
C LYS A 80 22.53 -14.52 21.65
N VAL A 81 22.97 -14.37 20.40
CA VAL A 81 22.17 -14.79 19.26
C VAL A 81 23.00 -15.74 18.42
N THR A 82 22.35 -16.80 17.99
CA THR A 82 22.93 -17.75 17.06
C THR A 82 22.15 -17.80 15.76
N VAL A 83 22.87 -17.67 14.65
CA VAL A 83 22.30 -17.72 13.30
C VAL A 83 22.89 -18.89 12.54
N GLU A 84 22.04 -19.74 12.03
CA GLU A 84 22.47 -20.85 11.20
C GLU A 84 21.88 -20.77 9.79
N TRP A 85 22.68 -21.18 8.82
CA TRP A 85 22.28 -21.15 7.43
C TRP A 85 23.08 -22.15 6.61
N LYS A 86 22.67 -22.29 5.34
CA LYS A 86 23.41 -23.06 4.34
C LYS A 86 23.95 -22.09 3.28
N GLU A 87 25.18 -22.29 2.85
CA GLU A 87 25.78 -21.47 1.84
C GLU A 87 26.82 -22.26 1.08
N ASN A 88 26.70 -22.29 -0.24
CA ASN A 88 27.57 -23.10 -1.10
C ASN A 88 27.52 -24.55 -0.72
N GLY A 89 26.35 -25.02 -0.36
CA GLY A 89 26.18 -26.40 0.08
C GLY A 89 26.66 -26.69 1.52
N LYS A 90 27.47 -25.80 2.12
CA LYS A 90 28.04 -25.99 3.45
C LYS A 90 27.14 -25.46 4.60
N VAL A 91 27.11 -26.16 5.74
CA VAL A 91 26.38 -25.71 6.93
C VAL A 91 27.24 -24.66 7.62
N MET A 92 26.59 -23.59 8.04
CA MET A 92 27.25 -22.41 8.57
C MET A 92 26.55 -21.92 9.83
N LYS A 93 27.32 -21.23 10.68
CA LYS A 93 26.82 -20.78 11.95
C LYS A 93 27.68 -19.64 12.47
N ASP A 94 27.02 -18.65 13.05
CA ASP A 94 27.63 -17.52 13.77
C ASP A 94 26.94 -17.33 15.09
N ASP A 95 27.72 -16.88 16.07
CA ASP A 95 27.22 -16.47 17.32
C ASP A 95 27.57 -15.02 17.46
N TYR A 96 26.57 -14.22 17.81
CA TYR A 96 26.76 -12.81 17.96
C TYR A 96 26.35 -12.38 19.35
N VAL A 97 27.03 -11.37 19.87
CA VAL A 97 26.57 -10.70 21.06
C VAL A 97 25.93 -9.39 20.58
N VAL A 98 24.64 -9.23 20.84
CA VAL A 98 23.83 -8.11 20.34
C VAL A 98 23.38 -7.30 21.53
N HIS A 99 24.15 -6.24 21.79
CA HIS A 99 23.75 -5.25 22.77
C HIS A 99 22.58 -4.37 22.30
N THR A 100 21.60 -4.15 23.17
CA THR A 100 20.44 -3.31 22.93
C THR A 100 20.41 -2.16 23.91
N SER A 101 19.62 -1.13 23.59
CA SER A 101 19.37 -0.03 24.49
C SER A 101 18.05 -0.26 25.24
N ALA A 102 17.60 0.80 25.88
CA ALA A 102 16.39 0.81 26.72
C ALA A 102 15.09 1.10 25.99
N ILE A 103 14.00 0.56 26.52
CA ILE A 103 12.61 0.91 26.17
C ILE A 103 12.26 2.25 26.83
N VAL A 104 11.65 3.19 26.11
CA VAL A 104 11.24 4.49 26.68
C VAL A 104 9.72 4.70 26.59
N ASN A 105 9.11 5.06 27.71
CA ASN A 105 7.77 5.61 27.72
C ASN A 105 7.87 7.12 27.69
N ASN A 106 7.42 7.67 26.55
CA ASN A 106 7.45 9.08 26.27
C ASN A 106 6.29 9.84 26.83
N TYR A 107 5.38 9.16 27.51
CA TYR A 107 4.18 9.78 28.04
C TYR A 107 4.01 9.54 29.54
N MET A 108 4.67 10.40 30.34
CA MET A 108 4.58 10.34 31.79
C MET A 108 4.27 11.66 32.48
N ASP A 109 3.59 11.57 33.62
CA ASP A 109 3.20 12.75 34.43
C ASP A 109 2.99 12.26 35.89
N ASN A 110 2.44 13.12 36.70
CA ASN A 110 2.23 12.78 38.11
C ASN A 110 1.34 11.58 38.36
N ARG A 111 0.63 11.12 37.38
CA ARG A 111 -0.19 9.90 37.53
C ARG A 111 0.63 8.66 37.38
N SER A 112 1.83 8.78 36.80
CA SER A 112 2.66 7.63 36.51
C SER A 112 3.08 6.93 37.81
N ILE A 113 2.77 5.65 37.89
CA ILE A 113 3.26 4.73 38.92
C ILE A 113 4.78 4.48 38.72
N SER A 114 5.15 4.06 37.50
CA SER A 114 6.50 4.08 37.01
C SER A 114 6.47 4.18 35.46
N ASP A 115 7.64 4.11 34.80
CA ASP A 115 7.70 4.26 33.31
C ASP A 115 7.07 3.12 32.50
N LEU A 116 7.22 1.90 32.95
CA LEU A 116 6.72 0.73 32.23
C LEU A 116 5.65 0.03 32.99
N GLN A 117 4.88 -0.75 32.28
CA GLN A 117 3.83 -1.55 32.85
C GLN A 117 4.42 -2.81 33.48
N GLN A 118 4.01 -3.11 34.73
CA GLN A 118 4.52 -4.22 35.49
C GLN A 118 3.80 -5.50 35.11
N THR A 119 4.58 -6.55 34.99
CA THR A 119 4.06 -7.88 34.65
C THR A 119 4.15 -8.79 35.91
N LYS A 120 3.24 -9.75 36.02
CA LYS A 120 3.17 -10.66 37.17
C LYS A 120 2.74 -12.01 36.66
N VAL A 121 3.68 -12.92 36.64
CA VAL A 121 3.42 -14.32 36.21
C VAL A 121 2.74 -15.05 37.33
N ILE A 122 1.60 -15.65 37.03
CA ILE A 122 0.78 -16.34 37.99
C ILE A 122 0.86 -17.87 37.80
N LYS A 123 0.78 -18.34 36.57
CA LYS A 123 0.77 -19.75 36.25
C LYS A 123 1.33 -19.95 34.86
N VAL A 124 2.25 -20.91 34.72
CA VAL A 124 2.76 -21.38 33.42
C VAL A 124 2.87 -22.92 33.49
N ALA A 125 1.85 -23.60 32.99
CA ALA A 125 1.89 -25.05 32.92
C ALA A 125 3.05 -25.54 32.06
N PRO A 126 3.57 -26.75 32.35
CA PRO A 126 4.58 -27.35 31.52
C PRO A 126 4.09 -27.48 30.07
N GLY A 127 4.97 -27.20 29.13
CA GLY A 127 4.60 -27.11 27.72
C GLY A 127 4.06 -25.80 27.17
N PHE A 128 4.03 -24.76 27.99
CA PHE A 128 3.57 -23.44 27.62
C PHE A 128 4.63 -22.41 27.96
N GLU A 129 5.86 -22.88 28.18
CA GLU A 129 6.96 -21.98 28.49
C GLU A 129 7.38 -21.09 27.34
N ASP A 130 7.11 -21.54 26.12
CA ASP A 130 7.58 -20.85 24.93
C ASP A 130 6.68 -19.72 24.46
N ARG A 131 5.51 -19.55 25.05
CA ARG A 131 4.49 -18.68 24.52
C ARG A 131 4.86 -17.18 24.58
N LEU A 132 4.51 -16.47 23.50
CA LEU A 132 4.66 -15.03 23.44
C LEU A 132 3.33 -14.32 23.20
N TYR A 133 3.15 -13.20 23.89
CA TYR A 133 1.89 -12.48 23.85
C TYR A 133 2.19 -11.04 23.55
N LEU A 134 1.59 -10.55 22.45
CA LEU A 134 1.68 -9.13 22.07
C LEU A 134 0.57 -8.41 22.73
N VAL A 135 0.96 -7.43 23.54
CA VAL A 135 0.01 -6.63 24.28
C VAL A 135 -0.25 -5.26 23.65
N ASN A 136 -1.50 -5.06 23.26
CA ASN A 136 -2.03 -3.86 22.66
C ASN A 136 -2.65 -3.00 23.73
N THR A 137 -1.81 -2.18 24.37
CA THR A 137 -2.31 -1.34 25.43
C THR A 137 -1.86 0.13 25.23
N HIS A 138 -2.11 1.00 26.21
CA HIS A 138 -2.05 2.44 26.04
C HIS A 138 -1.76 3.16 27.33
N THR A 139 -1.37 4.42 27.22
CA THR A 139 -0.97 5.21 28.38
C THR A 139 -1.42 6.67 28.19
N PHE A 140 -2.12 7.21 29.16
CA PHE A 140 -2.70 8.54 29.06
C PHE A 140 -1.65 9.57 28.72
N THR A 141 -2.02 10.51 27.85
CA THR A 141 -1.19 11.67 27.58
C THR A 141 -1.45 12.71 28.63
N ALA A 142 -0.51 13.67 28.78
CA ALA A 142 -0.64 14.67 29.76
C ALA A 142 -1.79 15.63 29.54
N GLN A 143 -2.07 15.99 28.30
CA GLN A 143 -3.13 16.96 28.00
C GLN A 143 -4.51 16.30 27.95
N GLY A 144 -4.61 15.01 27.72
CA GLY A 144 -5.91 14.43 27.51
C GLY A 144 -6.43 14.81 26.15
N SER A 145 -7.70 14.51 25.86
CA SER A 145 -8.35 14.89 24.60
C SER A 145 -8.27 16.37 24.38
N ASP A 146 -7.61 16.79 23.29
CA ASP A 146 -7.39 18.24 23.03
C ASP A 146 -8.08 18.74 21.74
N LEU A 147 -8.63 17.81 20.93
CA LEU A 147 -9.20 18.14 19.64
C LEU A 147 -10.57 17.48 19.36
N HIS A 148 -11.40 18.22 18.62
CA HIS A 148 -12.79 17.87 18.26
C HIS A 148 -12.99 18.09 16.75
N TRP A 149 -13.74 17.21 16.08
CA TRP A 149 -14.26 17.57 14.78
C TRP A 149 -15.33 18.67 14.96
N HIS A 150 -15.37 19.64 14.06
CA HIS A 150 -16.43 20.64 14.01
C HIS A 150 -17.64 20.05 13.28
N GLY A 151 -18.83 20.23 13.88
CA GLY A 151 -20.10 19.69 13.36
C GLY A 151 -20.93 20.82 12.73
N GLU A 152 -22.20 20.52 12.49
CA GLU A 152 -23.18 21.52 12.02
C GLU A 152 -24.11 22.03 13.12
N LYS A 153 -24.17 23.35 13.22
CA LYS A 153 -24.99 24.01 14.22
C LYS A 153 -26.46 23.66 14.07
N ASP A 154 -27.11 23.52 15.21
CA ASP A 154 -28.51 23.13 15.32
C ASP A 154 -29.44 24.34 15.10
N LYS A 155 -30.59 24.10 14.45
CA LYS A 155 -31.65 25.13 14.33
C LYS A 155 -32.19 25.49 15.76
N ASN A 156 -32.23 24.48 16.64
CA ASN A 156 -32.54 24.56 18.04
CA ASN A 156 -32.62 24.73 18.05
C ASN A 156 -31.46 25.32 18.90
N ALA A 157 -30.29 25.57 18.30
CA ALA A 157 -29.10 26.11 18.99
C ALA A 157 -29.21 27.61 19.10
N GLY A 158 -28.53 28.21 20.06
CA GLY A 158 -28.59 29.66 20.27
C GLY A 158 -28.01 30.43 19.10
N ILE A 159 -28.45 31.67 18.93
CA ILE A 159 -28.07 32.43 17.75
C ILE A 159 -26.60 32.79 17.78
N LEU A 160 -26.13 33.21 18.93
CA LEU A 160 -24.79 33.72 19.04
C LEU A 160 -23.78 32.54 19.16
N ASP A 161 -24.29 31.33 19.34
CA ASP A 161 -23.47 30.19 19.72
C ASP A 161 -22.46 29.78 18.65
N ALA A 162 -21.25 29.40 19.09
CA ALA A 162 -20.29 28.80 18.22
C ALA A 162 -20.87 27.45 17.83
N GLY A 163 -20.38 26.87 16.74
CA GLY A 163 -20.88 25.57 16.24
C GLY A 163 -20.46 24.46 17.16
N PRO A 164 -21.12 23.31 17.07
CA PRO A 164 -20.87 22.22 17.98
C PRO A 164 -19.77 21.31 17.44
N ALA A 165 -19.43 20.27 18.22
CA ALA A 165 -18.49 19.26 17.80
C ALA A 165 -19.31 18.07 17.33
N THR A 166 -18.65 17.11 16.71
CA THR A 166 -19.27 15.92 16.18
C THR A 166 -18.22 14.80 16.10
N GLY A 167 -18.65 13.55 15.91
CA GLY A 167 -17.73 12.47 15.81
C GLY A 167 -16.95 12.18 17.10
N ALA A 168 -15.76 11.59 16.94
CA ALA A 168 -14.99 11.02 18.02
C ALA A 168 -13.48 11.33 17.92
N LEU A 169 -13.11 12.54 17.51
CA LEU A 169 -11.70 12.87 17.48
C LEU A 169 -11.01 12.72 18.84
N PRO A 170 -11.71 12.99 19.94
CA PRO A 170 -11.07 12.89 21.28
C PRO A 170 -10.66 11.48 21.71
N PHE A 171 -11.12 10.48 20.96
CA PHE A 171 -10.74 9.11 21.19
C PHE A 171 -9.28 8.88 20.79
N ASP A 172 -8.40 9.41 21.64
CA ASP A 172 -7.02 9.60 21.31
C ASP A 172 -6.14 9.30 22.55
N ILE A 173 -5.10 8.50 22.38
CA ILE A 173 -4.24 8.07 23.47
C ILE A 173 -2.89 7.57 22.95
N ALA A 174 -1.84 7.70 23.77
CA ALA A 174 -0.54 7.13 23.46
C ALA A 174 -0.52 5.62 23.49
N PRO A 175 0.15 4.98 22.51
CA PRO A 175 0.24 3.52 22.52
C PRO A 175 1.33 2.99 23.49
N PHE A 176 1.11 1.76 23.96
CA PHE A 176 2.11 1.00 24.75
C PHE A 176 2.06 -0.41 24.25
N THR A 177 3.03 -0.78 23.41
CA THR A 177 2.96 -1.96 22.58
C THR A 177 4.20 -2.82 22.78
N PHE A 178 3.97 -4.03 23.32
CA PHE A 178 5.06 -4.95 23.70
C PHE A 178 4.67 -6.40 23.60
N ILE A 179 5.67 -7.27 23.47
CA ILE A 179 5.53 -8.69 23.61
C ILE A 179 6.16 -9.11 24.96
N VAL A 180 5.37 -9.88 25.72
CA VAL A 180 5.79 -10.48 26.98
C VAL A 180 5.96 -11.99 26.83
N ASP A 181 7.02 -12.50 27.43
CA ASP A 181 7.22 -13.98 27.53
C ASP A 181 6.68 -14.52 28.88
N THR A 182 6.84 -15.82 29.12
CA THR A 182 6.27 -16.48 30.31
C THR A 182 7.09 -16.30 31.56
N GLU A 183 8.20 -15.58 31.47
CA GLU A 183 8.91 -15.04 32.61
C GLU A 183 8.55 -13.61 32.93
N GLY A 184 7.61 -13.06 32.18
CA GLY A 184 7.18 -11.70 32.29
C GLY A 184 8.14 -10.65 31.77
N GLU A 185 9.10 -11.11 30.95
CA GLU A 185 10.06 -10.23 30.32
C GLU A 185 9.54 -9.67 28.98
N TYR A 186 9.80 -8.37 28.77
CA TYR A 186 9.53 -7.70 27.49
C TYR A 186 10.48 -8.23 26.44
N ARG A 187 9.95 -8.82 25.36
CA ARG A 187 10.81 -9.37 24.29
C ARG A 187 10.67 -8.65 22.94
N TRP A 188 9.86 -7.60 22.93
CA TRP A 188 9.60 -6.71 21.77
C TRP A 188 8.95 -5.42 22.23
N TRP A 189 9.27 -4.35 21.51
CA TRP A 189 8.71 -3.02 21.75
C TRP A 189 8.50 -2.28 20.43
N LEU A 190 7.27 -1.79 20.19
CA LEU A 190 7.03 -0.85 19.10
C LEU A 190 7.12 0.57 19.63
N ASP A 191 8.11 1.25 19.15
CA ASP A 191 8.34 2.66 19.51
C ASP A 191 7.05 3.43 19.39
N GLN A 192 6.74 4.24 20.39
CA GLN A 192 5.49 4.96 20.40
C GLN A 192 5.37 5.92 19.18
N ASP A 193 6.52 6.49 18.77
CA ASP A 193 6.67 7.42 17.66
C ASP A 193 6.46 6.78 16.32
N THR A 194 6.43 5.46 16.23
CA THR A 194 6.14 4.81 14.97
C THR A 194 4.89 5.43 14.33
N PHE A 195 3.81 5.50 15.06
CA PHE A 195 2.52 5.97 14.56
C PHE A 195 1.97 7.19 15.25
N TYR A 196 2.42 7.47 16.47
CA TYR A 196 1.76 8.40 17.31
C TYR A 196 2.67 9.56 17.64
N ASP A 197 2.08 10.72 17.79
CA ASP A 197 2.79 11.91 18.30
C ASP A 197 1.79 12.79 19.05
N GLY A 198 1.76 12.65 20.36
CA GLY A 198 0.74 13.33 21.12
C GLY A 198 1.11 14.76 21.44
N ARG A 199 2.36 15.11 21.27
CA ARG A 199 2.79 16.51 21.59
C ARG A 199 2.55 17.49 20.39
N ASP A 200 2.60 17.01 19.17
CA ASP A 200 2.31 17.79 18.00
C ASP A 200 0.83 17.75 17.77
N ARG A 201 0.37 18.60 16.87
CA ARG A 201 -1.04 18.61 16.45
C ARG A 201 -1.30 18.29 15.01
N ASP A 202 -0.61 17.28 14.54
CA ASP A 202 -0.80 16.70 13.29
C ASP A 202 -1.72 15.47 13.51
N ILE A 203 -2.95 15.62 13.08
CA ILE A 203 -4.00 14.62 13.31
C ILE A 203 -3.66 13.32 12.60
N ASN A 204 -2.81 13.40 11.61
CA ASN A 204 -2.24 12.23 10.96
C ASN A 204 -1.52 11.28 11.92
N LYS A 205 -1.02 11.81 13.02
CA LYS A 205 -0.34 11.01 14.05
C LYS A 205 -1.12 10.92 15.37
N ARG A 206 -2.47 11.04 15.33
CA ARG A 206 -3.32 10.98 16.48
C ARG A 206 -4.27 9.80 16.34
N GLY A 207 -4.85 9.40 17.44
CA GLY A 207 -5.86 8.40 17.55
C GLY A 207 -5.56 7.31 18.54
N TYR A 208 -6.14 6.11 18.35
CA TYR A 208 -6.12 5.09 19.37
C TYR A 208 -5.75 3.79 18.67
N LEU A 209 -4.50 3.37 18.83
CA LEU A 209 -3.95 2.30 18.01
C LEU A 209 -4.61 0.99 18.39
N MET A 210 -5.36 0.39 17.48
CA MET A 210 -6.14 -0.80 17.80
C MET A 210 -6.30 -1.70 16.62
N GLY A 211 -6.87 -2.88 16.83
CA GLY A 211 -7.12 -3.76 15.74
C GLY A 211 -5.88 -4.32 15.16
N ILE A 212 -4.88 -4.57 16.00
CA ILE A 212 -3.65 -5.25 15.56
C ILE A 212 -4.01 -6.73 15.27
N ARG A 213 -3.97 -7.11 14.00
CA ARG A 213 -4.30 -8.48 13.53
C ARG A 213 -3.32 -8.99 12.51
N GLU A 214 -3.00 -10.27 12.64
CA GLU A 214 -2.12 -10.92 11.74
C GLU A 214 -2.69 -11.03 10.36
N THR A 215 -1.77 -10.95 9.38
CA THR A 215 -2.10 -11.06 7.96
C THR A 215 -1.64 -12.42 7.48
N PRO A 216 -2.06 -12.82 6.30
CA PRO A 216 -1.52 -14.09 5.71
C PRO A 216 -0.01 -14.07 5.45
N ARG A 217 0.65 -12.94 5.62
CA ARG A 217 2.07 -12.86 5.37
C ARG A 217 2.88 -12.88 6.65
N GLY A 218 2.18 -13.04 7.78
CA GLY A 218 2.77 -13.02 9.10
C GLY A 218 3.11 -11.61 9.58
N THR A 219 2.49 -10.62 8.94
CA THR A 219 2.64 -9.22 9.34
C THR A 219 1.32 -8.82 9.98
N PHE A 220 1.22 -7.54 10.36
CA PHE A 220 0.04 -7.09 11.03
C PHE A 220 -0.56 -5.80 10.46
N THR A 221 -1.87 -5.67 10.51
CA THR A 221 -2.58 -4.44 10.24
C THR A 221 -3.02 -3.83 11.53
N ALA A 222 -3.27 -2.53 11.52
CA ALA A 222 -3.72 -1.77 12.68
C ALA A 222 -4.38 -0.50 12.20
N VAL A 223 -5.21 0.14 13.05
CA VAL A 223 -5.85 1.37 12.73
C VAL A 223 -5.42 2.33 13.82
N GLN A 224 -5.29 3.58 13.46
CA GLN A 224 -5.14 4.69 14.43
C GLN A 224 -5.68 5.97 13.81
N GLY A 225 -6.79 6.44 14.37
CA GLY A 225 -7.38 7.73 14.00
C GLY A 225 -7.95 7.70 12.61
N GLN A 226 -7.28 8.43 11.72
CA GLN A 226 -7.73 8.63 10.34
C GLN A 226 -6.91 7.82 9.33
N HIS A 227 -6.07 6.93 9.84
CA HIS A 227 -5.19 6.09 9.05
C HIS A 227 -5.31 4.62 9.41
N TRP A 228 -4.98 3.76 8.46
CA TRP A 228 -4.75 2.37 8.73
C TRP A 228 -3.39 1.96 8.23
N TYR A 229 -2.82 0.93 8.87
CA TYR A 229 -1.42 0.59 8.70
C TYR A 229 -1.20 -0.89 8.52
N GLU A 230 0.00 -1.24 8.04
CA GLU A 230 0.50 -2.64 8.05
C GLU A 230 1.94 -2.50 8.50
N PHE A 231 2.39 -3.41 9.36
CA PHE A 231 3.76 -3.43 9.86
C PHE A 231 4.19 -4.85 10.13
N ASP A 232 5.50 -5.04 10.23
CA ASP A 232 6.03 -6.37 10.50
C ASP A 232 6.79 -6.32 11.82
N MET A 233 7.28 -7.50 12.20
CA MET A 233 7.91 -7.63 13.50
C MET A 233 9.28 -7.05 13.59
N MET A 234 9.85 -6.60 12.48
CA MET A 234 11.06 -5.75 12.46
C MET A 234 10.81 -4.25 12.62
N GLY A 235 9.54 -3.90 12.74
CA GLY A 235 9.14 -2.54 12.96
C GLY A 235 9.04 -1.77 11.67
N GLN A 236 9.08 -2.49 10.55
CA GLN A 236 8.90 -1.86 9.24
C GLN A 236 7.44 -1.53 9.02
N VAL A 237 7.17 -0.28 8.68
CA VAL A 237 5.84 0.17 8.27
C VAL A 237 5.63 -0.17 6.77
N LEU A 238 4.81 -1.15 6.50
CA LEU A 238 4.64 -1.65 5.17
C LEU A 238 3.52 -0.94 4.39
N GLU A 239 2.50 -0.46 5.08
CA GLU A 239 1.40 0.36 4.51
C GLU A 239 1.02 1.43 5.48
N ASP A 240 0.76 2.61 4.95
CA ASP A 240 0.15 3.71 5.68
C ASP A 240 -0.85 4.35 4.75
N HIS A 241 -2.14 4.23 5.07
CA HIS A 241 -3.22 4.77 4.28
C HIS A 241 -4.10 5.76 5.05
N LYS A 242 -4.37 6.92 4.45
CA LYS A 242 -5.48 7.74 4.89
C LYS A 242 -6.76 7.00 4.66
N LEU A 243 -7.71 7.20 5.56
CA LEU A 243 -9.07 6.70 5.33
C LEU A 243 -9.61 7.36 4.05
N PRO A 244 -10.47 6.66 3.29
CA PRO A 244 -11.12 7.36 2.19
C PRO A 244 -11.85 8.61 2.68
N ARG A 245 -12.03 9.57 1.78
CA ARG A 245 -12.41 10.95 2.19
C ARG A 245 -13.78 11.03 2.88
N GLY A 246 -14.70 10.06 2.61
CA GLY A 246 -15.97 10.13 3.30
C GLY A 246 -16.07 9.58 4.74
N PHE A 247 -14.97 9.04 5.25
CA PHE A 247 -14.95 8.32 6.53
C PHE A 247 -13.92 8.84 7.48
N ALA A 248 -14.16 8.55 8.75
CA ALA A 248 -13.37 9.09 9.86
C ALA A 248 -13.36 8.07 11.00
N ASP A 249 -12.48 8.33 11.95
CA ASP A 249 -12.44 7.69 13.27
C ASP A 249 -12.43 6.15 13.16
N ALA A 250 -11.31 5.57 12.72
CA ALA A 250 -11.19 4.10 12.57
C ALA A 250 -10.67 3.59 13.95
N THR A 251 -11.37 2.63 14.52
CA THR A 251 -11.02 2.12 15.87
C THR A 251 -11.30 0.62 15.94
N HIS A 252 -10.79 -0.02 17.01
CA HIS A 252 -11.25 -1.37 17.45
C HIS A 252 -10.79 -2.53 16.63
N GLU A 253 -10.78 -2.38 15.32
CA GLU A 253 -10.51 -3.55 14.45
C GLU A 253 -9.98 -3.25 13.06
N SER A 254 -9.09 -4.10 12.60
CA SER A 254 -8.72 -4.18 11.20
C SER A 254 -8.41 -5.63 10.92
N ILE A 255 -8.88 -6.17 9.81
CA ILE A 255 -8.59 -7.58 9.48
C ILE A 255 -8.50 -7.83 7.99
N GLU A 256 -7.40 -8.42 7.56
CA GLU A 256 -7.23 -8.77 6.16
C GLU A 256 -7.99 -10.05 5.84
N THR A 257 -8.65 -10.05 4.69
CA THR A 257 -9.46 -11.17 4.17
C THR A 257 -8.58 -11.97 3.22
N PRO A 258 -9.04 -13.14 2.77
CA PRO A 258 -8.30 -13.93 1.80
C PRO A 258 -8.19 -13.35 0.39
N ASN A 259 -8.99 -12.32 0.13
CA ASN A 259 -9.08 -11.68 -1.17
C ASN A 259 -8.16 -10.47 -1.24
N GLY A 260 -7.28 -10.33 -0.26
CA GLY A 260 -6.38 -9.18 -0.23
C GLY A 260 -6.97 -7.84 0.18
N THR A 261 -8.22 -7.83 0.60
CA THR A 261 -8.84 -6.62 1.12
C THR A 261 -8.72 -6.54 2.63
N VAL A 262 -8.99 -5.38 3.20
CA VAL A 262 -8.93 -5.19 4.66
C VAL A 262 -10.27 -4.65 5.13
N LEU A 263 -10.83 -5.26 6.17
CA LEU A 263 -12.08 -4.83 6.74
C LEU A 263 -11.77 -3.86 7.90
N LEU A 264 -12.42 -2.70 7.87
CA LEU A 264 -12.20 -1.64 8.83
C LEU A 264 -13.52 -1.21 9.44
N ARG A 265 -13.44 -0.64 10.65
CA ARG A 265 -14.58 -0.12 11.35
C ARG A 265 -14.38 1.37 11.49
N VAL A 266 -15.32 2.16 10.93
CA VAL A 266 -15.19 3.62 10.86
C VAL A 266 -16.54 4.27 11.19
N GLY A 267 -16.52 5.58 11.11
CA GLY A 267 -17.70 6.46 11.08
C GLY A 267 -17.81 7.16 9.72
N LYS A 268 -18.98 7.71 9.40
CA LYS A 268 -19.16 8.44 8.17
C LYS A 268 -19.10 9.89 8.52
N SER A 269 -18.20 10.65 7.91
CA SER A 269 -18.18 12.11 8.12
C SER A 269 -19.17 12.77 7.13
N ASN A 270 -19.69 13.96 7.51
CA ASN A 270 -20.74 14.65 6.70
C ASN A 270 -21.91 13.74 6.26
N TYR A 271 -22.37 12.92 7.20
CA TYR A 271 -23.49 12.05 7.00
C TYR A 271 -24.70 12.92 7.17
N ARG A 272 -25.53 12.97 6.13
CA ARG A 272 -26.75 13.79 6.14
C ARG A 272 -27.92 12.97 6.74
N ARG A 273 -28.40 13.48 7.88
CA ARG A 273 -29.53 12.85 8.56
C ARG A 273 -30.81 13.24 7.82
N ASP A 274 -31.90 12.53 8.12
CA ASP A 274 -33.20 12.83 7.54
C ASP A 274 -33.70 14.20 7.93
N ASP A 275 -33.29 14.73 9.07
CA ASP A 275 -33.68 16.09 9.41
C ASP A 275 -32.78 17.12 8.83
N GLY A 276 -31.89 16.65 7.93
CA GLY A 276 -30.93 17.51 7.24
C GLY A 276 -29.72 18.02 8.00
N VAL A 277 -29.55 17.57 9.25
CA VAL A 277 -28.31 17.84 10.00
C VAL A 277 -27.21 16.84 9.59
N HIS A 278 -26.03 17.39 9.35
CA HIS A 278 -24.84 16.60 9.04
C HIS A 278 -24.07 16.35 10.32
N VAL A 279 -23.68 15.07 10.45
CA VAL A 279 -22.88 14.55 11.55
C VAL A 279 -21.80 13.60 11.06
N THR A 280 -20.77 13.40 11.89
CA THR A 280 -19.88 12.26 11.76
C THR A 280 -20.48 11.18 12.64
N THR A 281 -20.91 10.07 12.02
CA THR A 281 -21.44 9.02 12.75
C THR A 281 -20.39 8.32 13.62
N ILE A 282 -20.85 7.56 14.62
CA ILE A 282 -20.00 6.90 15.62
C ILE A 282 -20.02 5.42 15.44
N ARG A 283 -18.89 4.82 15.08
CA ARG A 283 -18.66 3.41 15.21
C ARG A 283 -19.74 2.54 14.59
N ASP A 284 -20.24 2.95 13.43
CA ASP A 284 -21.37 2.24 12.81
C ASP A 284 -21.27 2.05 11.29
N HIS A 285 -20.06 2.09 10.76
CA HIS A 285 -19.83 1.80 9.35
C HIS A 285 -18.65 0.86 9.21
N ILE A 286 -18.83 -0.13 8.35
CA ILE A 286 -17.77 -1.07 7.96
C ILE A 286 -17.26 -0.76 6.53
N LEU A 287 -15.93 -0.65 6.34
CA LEU A 287 -15.36 -0.54 5.02
C LEU A 287 -14.66 -1.79 4.65
N GLU A 288 -14.73 -2.13 3.37
CA GLU A 288 -13.79 -3.08 2.79
C GLU A 288 -12.91 -2.32 1.82
N VAL A 289 -11.60 -2.29 2.09
CA VAL A 289 -10.63 -1.50 1.36
C VAL A 289 -9.62 -2.43 0.77
N ASP A 290 -9.06 -2.05 -0.36
CA ASP A 290 -7.99 -2.78 -0.98
C ASP A 290 -6.66 -2.14 -0.58
N LYS A 291 -5.58 -2.72 -1.09
CA LYS A 291 -4.21 -2.24 -0.71
C LYS A 291 -3.75 -0.96 -1.38
N SER A 292 -4.62 -0.43 -2.23
CA SER A 292 -4.55 0.92 -2.78
C SER A 292 -5.27 1.91 -1.88
N GLY A 293 -6.00 1.40 -0.86
CA GLY A 293 -6.72 2.27 0.05
C GLY A 293 -8.06 2.68 -0.50
N ARG A 294 -8.45 2.07 -1.63
CA ARG A 294 -9.72 2.40 -2.25
C ARG A 294 -10.84 1.63 -1.55
N VAL A 295 -12.10 2.05 -1.73
CA VAL A 295 -13.24 1.47 -1.08
C VAL A 295 -13.83 0.42 -2.02
N VAL A 296 -13.76 -0.84 -1.63
CA VAL A 296 -14.34 -1.98 -2.38
C VAL A 296 -15.81 -2.14 -1.99
N ASP A 297 -16.14 -1.83 -0.74
CA ASP A 297 -17.53 -1.85 -0.31
C ASP A 297 -17.73 -1.16 1.00
N VAL A 298 -18.98 -0.85 1.29
CA VAL A 298 -19.30 -0.17 2.54
C VAL A 298 -20.62 -0.65 3.10
N TRP A 299 -20.63 -0.98 4.38
CA TRP A 299 -21.87 -1.33 5.08
C TRP A 299 -22.21 -0.16 6.00
N ASP A 300 -23.37 0.47 5.75
CA ASP A 300 -23.90 1.55 6.57
C ASP A 300 -24.91 0.96 7.55
N LEU A 301 -24.47 0.78 8.80
CA LEU A 301 -25.26 0.00 9.77
C LEU A 301 -26.51 0.74 10.22
N THR A 302 -26.54 2.06 10.00
CA THR A 302 -27.72 2.87 10.28
C THR A 302 -28.90 2.60 9.39
N LYS A 303 -28.69 1.96 8.24
CA LYS A 303 -29.78 1.56 7.36
C LYS A 303 -29.94 0.06 7.36
N ILE A 304 -29.11 -0.66 8.09
CA ILE A 304 -29.20 -2.13 8.11
C ILE A 304 -29.79 -2.60 9.44
N LEU A 305 -29.29 -2.03 10.54
CA LEU A 305 -29.73 -2.38 11.87
C LEU A 305 -30.69 -1.33 12.36
N ASP A 306 -30.99 -1.34 13.66
CA ASP A 306 -31.99 -0.42 14.20
C ASP A 306 -31.37 0.49 15.20
N PRO A 307 -31.09 1.71 14.79
CA PRO A 307 -30.49 2.76 15.61
C PRO A 307 -31.33 3.34 16.71
N LYS A 308 -32.57 2.86 16.77
CA LYS A 308 -33.54 3.33 17.77
C LYS A 308 -33.73 2.35 18.92
N ARG A 309 -33.17 1.14 18.79
CA ARG A 309 -33.29 0.11 19.82
C ARG A 309 -32.46 0.43 21.03
N ASP A 310 -33.13 0.68 22.14
CA ASP A 310 -32.45 1.06 23.38
C ASP A 310 -32.55 0.02 24.50
N ALA A 311 -32.97 -1.21 24.15
CA ALA A 311 -33.05 -2.30 25.09
C ALA A 311 -31.77 -2.47 25.92
N LEU A 312 -30.60 -2.49 25.27
CA LEU A 312 -29.34 -2.62 26.00
C LEU A 312 -28.78 -1.24 26.38
N LEU A 313 -28.87 -0.26 25.49
CA LEU A 313 -28.34 1.11 25.76
C LEU A 313 -28.81 1.67 27.12
N GLY A 314 -30.09 1.45 27.44
CA GLY A 314 -30.67 1.95 28.70
C GLY A 314 -30.28 1.20 29.96
N ALA A 315 -29.68 0.00 29.79
CA ALA A 315 -29.27 -0.89 30.87
C ALA A 315 -27.78 -0.78 31.22
N LEU A 316 -27.05 0.17 30.63
CA LEU A 316 -25.59 0.13 30.71
C LEU A 316 -25.07 0.95 31.86
N ASP A 317 -23.87 0.60 32.30
CA ASP A 317 -23.12 1.38 33.28
C ASP A 317 -22.54 2.64 32.60
N ALA A 318 -22.99 3.82 33.05
CA ALA A 318 -22.53 5.11 32.51
C ALA A 318 -21.02 5.37 32.74
N GLY A 319 -20.45 4.69 33.73
CA GLY A 319 -19.04 4.77 34.00
C GLY A 319 -18.14 4.07 33.03
N ALA A 320 -18.68 3.18 32.15
CA ALA A 320 -17.93 2.63 30.95
C ALA A 320 -17.86 3.55 29.65
N VAL A 321 -17.12 4.68 29.74
CA VAL A 321 -16.82 5.67 28.65
C VAL A 321 -16.29 5.01 27.36
N ALA A 328 -16.15 8.88 36.88
CA ALA A 328 -16.96 9.81 37.71
C ALA A 328 -18.28 9.14 38.16
N HIS A 329 -19.16 8.88 37.18
CA HIS A 329 -20.51 8.31 37.38
C HIS A 329 -20.58 6.78 37.19
N ALA A 330 -19.62 6.07 37.80
CA ALA A 330 -19.58 4.61 37.72
C ALA A 330 -20.70 4.02 38.58
N GLY A 331 -21.09 2.76 38.29
CA GLY A 331 -22.21 2.09 38.98
C GLY A 331 -23.59 2.47 38.42
N GLN A 332 -23.78 3.77 38.18
CA GLN A 332 -25.08 4.32 37.78
C GLN A 332 -25.53 3.82 36.39
N GLN A 333 -26.68 3.11 36.36
CA GLN A 333 -27.36 2.75 35.11
C GLN A 333 -27.66 4.01 34.26
N ALA A 334 -27.39 3.93 32.96
CA ALA A 334 -27.45 5.11 32.07
C ALA A 334 -28.89 5.54 31.81
N LYS A 335 -29.13 6.83 31.95
CA LYS A 335 -30.43 7.39 31.66
C LYS A 335 -30.34 8.12 30.32
N LEU A 336 -30.90 7.49 29.30
CA LEU A 336 -30.89 8.04 27.99
C LEU A 336 -31.76 9.26 28.04
N GLU A 337 -31.36 10.30 27.31
CA GLU A 337 -32.09 11.54 27.18
C GLU A 337 -32.37 11.77 25.71
N PRO A 338 -33.51 12.38 25.39
CA PRO A 338 -33.90 12.61 23.99
C PRO A 338 -33.09 13.75 23.33
N ASP A 339 -32.44 14.60 24.14
CA ASP A 339 -31.68 15.76 23.63
C ASP A 339 -30.15 15.66 23.82
N THR A 340 -29.62 14.43 23.87
CA THR A 340 -28.19 14.27 24.07
C THR A 340 -27.56 14.85 22.82
N PRO A 341 -26.64 15.85 22.96
CA PRO A 341 -26.04 16.40 21.78
C PRO A 341 -25.30 15.31 21.00
N PHE A 342 -25.25 15.42 19.66
CA PHE A 342 -24.59 14.44 18.80
C PHE A 342 -23.10 14.37 19.18
N GLY A 343 -22.52 13.19 19.08
CA GLY A 343 -21.18 13.00 19.60
C GLY A 343 -20.97 11.60 20.08
N ASP A 344 -19.77 11.38 20.61
CA ASP A 344 -19.38 10.10 21.17
C ASP A 344 -20.04 10.01 22.55
N ALA A 345 -21.38 9.86 22.57
CA ALA A 345 -22.20 9.83 23.78
C ALA A 345 -23.23 8.70 23.61
N LEU A 346 -23.47 7.93 24.69
CA LEU A 346 -24.51 6.91 24.71
C LEU A 346 -25.85 7.52 24.34
N GLY A 347 -26.48 6.88 23.37
CA GLY A 347 -27.70 7.42 22.79
C GLY A 347 -28.11 6.64 21.55
N VAL A 348 -29.36 6.86 21.14
CA VAL A 348 -29.96 6.28 19.93
C VAL A 348 -29.75 7.26 18.74
N GLY A 349 -29.81 6.70 17.54
CA GLY A 349 -29.81 7.47 16.30
C GLY A 349 -28.42 7.83 15.73
N PRO A 350 -28.34 8.06 14.40
CA PRO A 350 -27.10 8.43 13.70
C PRO A 350 -26.51 9.70 14.25
N GLY A 351 -25.22 9.65 14.63
CA GLY A 351 -24.58 10.79 15.25
C GLY A 351 -24.37 10.59 16.72
N ARG A 352 -24.88 9.46 17.23
CA ARG A 352 -24.65 9.03 18.62
C ARG A 352 -24.14 7.60 18.68
N ASN A 353 -23.68 7.22 19.87
CA ASN A 353 -23.06 5.94 20.02
C ASN A 353 -24.04 4.77 20.24
N TRP A 354 -24.84 4.54 19.23
CA TRP A 354 -26.00 3.58 19.30
C TRP A 354 -25.62 2.14 19.09
N ALA A 355 -24.47 1.93 18.41
CA ALA A 355 -24.02 0.62 17.91
C ALA A 355 -22.74 0.16 18.59
N HIS A 356 -21.71 1.00 18.54
CA HIS A 356 -20.39 0.71 19.02
C HIS A 356 -19.94 -0.65 18.54
N VAL A 357 -19.74 -0.80 17.24
CA VAL A 357 -19.23 -2.05 16.67
C VAL A 357 -17.72 -2.09 16.97
N ASN A 358 -17.26 -3.20 17.55
CA ASN A 358 -15.91 -3.35 18.09
C ASN A 358 -15.18 -4.54 17.58
N SER A 359 -15.79 -5.31 16.71
CA SER A 359 -15.06 -6.37 16.08
C SER A 359 -15.71 -6.79 14.76
N ILE A 360 -14.92 -7.43 13.92
CA ILE A 360 -15.32 -7.89 12.61
C ILE A 360 -14.73 -9.26 12.32
N ALA A 361 -15.53 -10.10 11.69
CA ALA A 361 -15.06 -11.38 11.22
C ALA A 361 -15.60 -11.61 9.81
N TYR A 362 -14.74 -12.05 8.89
CA TYR A 362 -15.17 -12.25 7.53
C TYR A 362 -15.47 -13.74 7.36
N ASP A 363 -16.64 -14.03 6.81
CA ASP A 363 -17.00 -15.40 6.52
C ASP A 363 -16.86 -15.71 5.04
N ALA A 364 -15.76 -16.36 4.69
CA ALA A 364 -15.44 -16.65 3.32
C ALA A 364 -16.44 -17.61 2.72
N LYS A 365 -17.17 -18.34 3.55
CA LYS A 365 -18.10 -19.40 3.07
C LYS A 365 -19.24 -18.77 2.28
N ASP A 366 -19.77 -17.62 2.76
CA ASP A 366 -20.88 -16.93 2.11
C ASP A 366 -20.61 -15.44 1.80
N ASP A 367 -19.36 -15.01 1.98
CA ASP A 367 -18.95 -13.65 1.66
C ASP A 367 -19.76 -12.70 2.48
N SER A 368 -19.78 -12.95 3.78
CA SER A 368 -20.53 -12.09 4.69
C SER A 368 -19.60 -11.64 5.81
N ILE A 369 -20.10 -10.77 6.66
CA ILE A 369 -19.33 -10.25 7.79
C ILE A 369 -20.13 -10.48 9.09
N ILE A 370 -19.45 -10.95 10.13
CA ILE A 370 -20.03 -11.08 11.46
C ILE A 370 -19.47 -9.90 12.27
N LEU A 371 -20.37 -9.17 12.92
CA LEU A 371 -19.99 -8.00 13.68
C LEU A 371 -20.42 -8.15 15.15
N SER A 372 -19.63 -7.54 16.03
CA SER A 372 -19.94 -7.38 17.43
C SER A 372 -20.37 -5.96 17.68
N SER A 373 -21.64 -5.78 18.03
CA SER A 373 -22.13 -4.49 18.42
C SER A 373 -22.30 -4.47 19.91
N ARG A 374 -21.42 -3.74 20.56
CA ARG A 374 -21.38 -3.63 21.97
C ARG A 374 -22.76 -3.35 22.50
N HIS A 375 -23.50 -2.50 21.79
CA HIS A 375 -24.74 -1.97 22.29
C HIS A 375 -25.99 -2.57 21.69
N GLN A 376 -25.84 -3.64 20.90
CA GLN A 376 -26.96 -4.24 20.26
C GLN A 376 -26.84 -5.73 20.21
N GLY A 377 -25.63 -6.27 20.13
CA GLY A 377 -25.42 -7.69 20.08
C GLY A 377 -24.49 -8.11 18.99
N VAL A 378 -24.67 -9.33 18.49
CA VAL A 378 -23.85 -9.90 17.43
C VAL A 378 -24.73 -10.21 16.20
N VAL A 379 -24.29 -9.79 15.02
CA VAL A 379 -25.06 -9.91 13.78
C VAL A 379 -24.18 -10.46 12.68
N LYS A 380 -24.73 -11.31 11.81
CA LYS A 380 -24.18 -11.54 10.47
C LYS A 380 -24.88 -10.65 9.42
N ILE A 381 -24.13 -9.89 8.62
CA ILE A 381 -24.66 -9.04 7.52
C ILE A 381 -24.08 -9.57 6.22
N GLY A 382 -24.94 -9.79 5.22
CA GLY A 382 -24.45 -10.34 3.96
C GLY A 382 -23.82 -9.26 3.07
N ARG A 383 -23.16 -9.70 2.01
CA ARG A 383 -22.66 -8.81 0.95
C ARG A 383 -23.79 -7.97 0.36
N ASP A 384 -24.96 -8.59 0.31
CA ASP A 384 -26.19 -7.92 -0.05
C ASP A 384 -26.74 -6.87 0.90
N LYS A 385 -26.07 -6.67 2.03
CA LYS A 385 -26.42 -5.68 3.02
C LYS A 385 -27.67 -6.05 3.84
N GLN A 386 -28.08 -7.31 3.75
CA GLN A 386 -29.22 -7.79 4.52
CA GLN A 386 -29.21 -7.82 4.54
C GLN A 386 -28.69 -8.55 5.77
N VAL A 387 -29.39 -8.34 6.89
CA VAL A 387 -29.11 -9.07 8.13
C VAL A 387 -29.46 -10.54 7.96
N LYS A 388 -28.50 -11.40 8.22
CA LYS A 388 -28.71 -12.82 8.08
C LYS A 388 -29.09 -13.48 9.43
N TRP A 389 -28.42 -13.09 10.52
CA TRP A 389 -28.83 -13.52 11.85
C TRP A 389 -28.44 -12.53 12.92
N ILE A 390 -29.13 -12.60 14.07
CA ILE A 390 -28.82 -11.80 15.25
C ILE A 390 -28.76 -12.71 16.47
N LEU A 391 -27.71 -12.51 17.28
CA LEU A 391 -27.51 -13.15 18.59
C LEU A 391 -27.62 -12.09 19.66
N ALA A 392 -28.77 -12.03 20.32
CA ALA A 392 -29.09 -10.95 21.24
C ALA A 392 -30.35 -11.37 22.01
N PRO A 393 -30.54 -10.83 23.22
CA PRO A 393 -31.84 -10.94 23.84
C PRO A 393 -32.88 -10.32 22.92
N SER A 394 -34.12 -10.81 23.00
CA SER A 394 -35.13 -10.49 22.01
C SER A 394 -35.79 -9.12 22.23
N LYS A 395 -35.69 -8.62 23.43
CA LYS A 395 -36.31 -7.34 23.75
C LYS A 395 -35.86 -6.28 22.74
N GLY A 396 -36.77 -5.36 22.39
CA GLY A 396 -36.48 -4.18 21.59
C GLY A 396 -36.39 -4.41 20.08
N TRP A 397 -36.19 -5.64 19.65
CA TRP A 397 -36.11 -5.95 18.24
C TRP A 397 -37.50 -6.01 17.61
N GLU A 398 -37.80 -5.04 16.75
CA GLU A 398 -38.98 -5.07 15.94
C GLU A 398 -38.77 -5.87 14.68
N LYS A 399 -39.87 -6.31 14.05
CA LYS A 399 -39.75 -6.95 12.75
C LYS A 399 -39.52 -5.78 11.77
N PRO A 400 -38.73 -6.03 10.72
CA PRO A 400 -38.30 -7.36 10.21
C PRO A 400 -37.09 -8.03 10.91
N LEU A 401 -36.41 -7.30 11.81
CA LEU A 401 -35.16 -7.77 12.38
C LEU A 401 -35.42 -8.91 13.38
N ALA A 402 -36.44 -8.73 14.24
CA ALA A 402 -36.86 -9.74 15.23
C ALA A 402 -36.86 -11.15 14.64
N SER A 403 -37.24 -11.26 13.39
CA SER A 403 -37.33 -12.57 12.73
C SER A 403 -35.98 -13.22 12.42
N LYS A 404 -34.90 -12.45 12.60
CA LYS A 404 -33.54 -12.94 12.33
C LYS A 404 -32.84 -13.43 13.59
N LEU A 405 -33.46 -13.18 14.73
CA LEU A 405 -32.94 -13.65 15.99
C LEU A 405 -32.78 -15.17 16.02
N LEU A 406 -31.59 -15.58 16.44
CA LEU A 406 -31.26 -16.99 16.62
C LEU A 406 -31.98 -17.51 17.86
N LYS A 407 -32.38 -18.77 17.78
CA LYS A 407 -33.18 -19.41 18.83
C LYS A 407 -32.30 -20.41 19.54
N PRO A 408 -32.13 -20.23 20.88
CA PRO A 408 -31.36 -21.11 21.74
C PRO A 408 -31.86 -22.56 21.75
N VAL A 409 -30.93 -23.49 21.77
CA VAL A 409 -31.24 -24.90 21.81
C VAL A 409 -30.19 -25.61 22.67
N ASP A 410 -30.54 -26.80 23.16
CA ASP A 410 -29.63 -27.68 23.92
C ASP A 410 -28.85 -28.58 22.99
N ALA A 411 -28.12 -29.55 23.54
CA ALA A 411 -27.26 -30.44 22.74
C ALA A 411 -28.04 -31.50 21.97
N ASN A 412 -29.33 -31.67 22.30
CA ASN A 412 -30.22 -32.57 21.57
C ASN A 412 -30.95 -31.83 20.49
N GLY A 413 -30.96 -30.51 20.59
CA GLY A 413 -31.59 -29.67 19.57
C GLY A 413 -32.93 -29.11 19.97
N LYS A 414 -33.22 -29.13 21.27
CA LYS A 414 -34.55 -28.74 21.74
C LYS A 414 -34.51 -27.33 22.32
N PRO A 415 -35.51 -26.50 22.01
CA PRO A 415 -35.56 -25.09 22.50
C PRO A 415 -35.25 -24.88 23.99
N ILE A 416 -34.56 -23.78 24.30
CA ILE A 416 -34.34 -23.33 25.67
C ILE A 416 -35.24 -22.12 25.85
N THR A 417 -35.94 -22.05 26.97
CA THR A 417 -36.90 -20.97 27.22
C THR A 417 -36.16 -19.82 27.89
N CYS A 418 -36.23 -18.63 27.27
CA CYS A 418 -35.62 -17.44 27.85
C CYS A 418 -36.59 -16.30 27.70
N ASN A 419 -36.57 -15.38 28.67
CA ASN A 419 -37.38 -14.22 28.56
C ASN A 419 -36.74 -13.18 27.62
N GLU A 420 -37.38 -12.02 27.49
CA GLU A 420 -36.96 -11.05 26.51
C GLU A 420 -35.68 -10.34 26.95
N ASN A 421 -35.27 -10.57 28.19
CA ASN A 421 -34.02 -10.02 28.71
C ASN A 421 -32.83 -11.01 28.59
N GLY A 422 -33.07 -12.20 28.00
CA GLY A 422 -32.02 -13.18 27.82
C GLY A 422 -31.69 -14.04 29.04
N LEU A 423 -32.53 -13.93 30.08
CA LEU A 423 -32.51 -14.87 31.24
C LEU A 423 -33.24 -16.18 30.82
N CYS A 424 -32.47 -17.26 30.79
CA CYS A 424 -32.97 -18.57 30.47
C CYS A 424 -33.28 -19.40 31.72
N GLU A 425 -34.02 -20.47 31.49
CA GLU A 425 -34.56 -21.30 32.55
C GLU A 425 -34.00 -22.70 32.45
N ASN A 426 -33.43 -23.17 33.56
CA ASN A 426 -32.93 -24.55 33.62
C ASN A 426 -31.84 -24.75 32.59
N SER A 427 -30.89 -23.81 32.57
CA SER A 427 -29.92 -23.79 31.48
C SER A 427 -28.70 -22.96 31.83
N ASP A 428 -27.56 -23.40 31.32
CA ASP A 428 -26.33 -22.64 31.35
C ASP A 428 -26.28 -21.59 30.20
N PHE A 429 -27.19 -21.70 29.24
CA PHE A 429 -27.24 -20.79 28.13
C PHE A 429 -27.47 -19.35 28.57
N ASP A 430 -26.62 -18.48 28.05
CA ASP A 430 -26.81 -17.05 28.16
C ASP A 430 -26.24 -16.35 26.89
N PHE A 431 -26.91 -15.30 26.47
CA PHE A 431 -26.44 -14.47 25.38
C PHE A 431 -25.19 -13.73 25.88
N THR A 432 -24.75 -12.77 25.06
CA THR A 432 -23.60 -11.90 25.38
C THR A 432 -24.06 -10.48 25.54
N TYR A 433 -23.33 -9.73 26.37
CA TYR A 433 -23.72 -8.40 26.74
C TYR A 433 -22.48 -7.51 26.71
N THR A 434 -22.55 -6.41 25.95
CA THR A 434 -21.44 -5.50 25.73
C THR A 434 -20.15 -6.23 25.33
N GLN A 435 -20.32 -7.31 24.51
CA GLN A 435 -19.24 -8.17 24.15
C GLN A 435 -18.20 -7.66 23.14
N HS8 A 436 -17.12 -8.43 23.00
CA HS8 A 436 -16.08 -8.20 22.04
CB HS8 A 436 -14.88 -7.63 22.77
CG HS8 A 436 -15.15 -6.31 23.40
ND1 HS8 A 436 -16.11 -6.14 24.35
CE1 HS8 A 436 -16.04 -4.89 24.82
NE2 HS8 A 436 -15.31 -4.16 23.98
CD2 HS8 A 436 -14.60 -5.07 23.20
C HS8 A 436 -15.67 -9.42 21.30
O HS8 A 436 -16.12 -10.51 21.60
O3 HS8 A 436 -15.17 -1.57 25.17
S HS8 A 436 -14.92 -2.13 23.87
O1 HS8 A 436 -13.57 -2.09 23.37
O2 HS8 A 436 -15.99 -1.88 22.90
N THR A 437 -14.86 -9.19 20.27
CA THR A 437 -14.23 -10.24 19.49
C THR A 437 -15.14 -11.44 19.22
N ALA A 438 -16.16 -11.19 18.42
CA ALA A 438 -17.06 -12.24 17.88
C ALA A 438 -16.43 -12.78 16.60
N TRP A 439 -15.54 -13.75 16.78
CA TRP A 439 -14.73 -14.28 15.71
C TRP A 439 -15.08 -15.74 15.38
N ILE A 440 -14.62 -16.21 14.24
CA ILE A 440 -14.83 -17.58 13.76
C ILE A 440 -13.61 -18.34 14.20
N SER A 441 -13.79 -19.42 14.96
CA SER A 441 -12.67 -20.24 15.38
C SER A 441 -12.32 -21.26 14.33
N SER A 442 -11.14 -21.84 14.48
CA SER A 442 -10.68 -22.91 13.62
C SER A 442 -11.52 -24.20 13.76
N LYS A 443 -12.38 -24.23 14.77
CA LYS A 443 -13.26 -25.37 15.07
C LYS A 443 -14.51 -25.31 14.27
N GLY A 444 -14.84 -24.12 13.78
CA GLY A 444 -16.09 -23.93 13.07
C GLY A 444 -17.17 -23.37 13.95
N THR A 445 -16.80 -22.61 14.96
CA THR A 445 -17.77 -22.08 15.90
C THR A 445 -17.49 -20.57 16.11
N LEU A 446 -18.41 -19.90 16.76
CA LEU A 446 -18.28 -18.49 17.08
C LEU A 446 -17.80 -18.30 18.51
N THR A 447 -16.63 -17.72 18.68
CA THR A 447 -16.12 -17.37 20.00
C THR A 447 -16.34 -15.89 20.28
N ILE A 448 -16.75 -15.57 21.50
CA ILE A 448 -17.02 -14.24 21.98
C ILE A 448 -16.44 -14.01 23.35
N PHE A 449 -15.90 -12.82 23.58
CA PHE A 449 -15.62 -12.38 24.92
C PHE A 449 -16.84 -11.64 25.45
N ASP A 450 -17.53 -12.24 26.41
CA ASP A 450 -18.78 -11.69 26.95
C ASP A 450 -18.49 -10.89 28.19
N ASN A 451 -18.34 -9.59 28.03
CA ASN A 451 -17.90 -8.77 29.13
C ASN A 451 -18.86 -8.77 30.32
N GLY A 452 -20.16 -8.62 30.03
CA GLY A 452 -21.28 -8.80 30.96
C GLY A 452 -21.82 -7.57 31.63
N ASP A 453 -21.42 -6.37 31.20
CA ASP A 453 -22.12 -5.18 31.68
C ASP A 453 -23.51 -5.13 31.03
N GLY A 454 -24.50 -4.68 31.80
CA GLY A 454 -25.89 -4.75 31.38
C GLY A 454 -26.39 -6.17 31.10
N ARG A 455 -25.78 -7.18 31.75
CA ARG A 455 -26.21 -8.57 31.62
C ARG A 455 -27.70 -8.69 31.98
N HIS A 456 -28.41 -9.52 31.22
CA HIS A 456 -29.87 -9.61 31.34
C HIS A 456 -30.59 -8.23 31.30
N LEU A 457 -29.98 -7.28 30.60
CA LEU A 457 -30.61 -5.99 30.33
C LEU A 457 -31.00 -5.24 31.62
N GLU A 458 -30.19 -5.42 32.64
CA GLU A 458 -30.29 -4.58 33.82
C GLU A 458 -28.92 -4.48 34.50
N GLN A 459 -28.86 -3.60 35.52
CA GLN A 459 -27.73 -3.56 36.46
C GLN A 459 -28.10 -4.39 37.70
N PRO A 460 -27.11 -5.07 38.36
CA PRO A 460 -27.48 -5.86 39.52
C PRO A 460 -27.59 -4.96 40.78
N ALA A 461 -28.07 -5.54 41.89
CA ALA A 461 -28.13 -4.84 43.16
C ALA A 461 -26.72 -4.36 43.49
N LEU A 462 -25.77 -5.31 43.53
CA LEU A 462 -24.37 -4.98 43.82
C LEU A 462 -23.45 -5.15 42.58
N PRO A 463 -22.54 -4.16 42.36
CA PRO A 463 -21.44 -4.15 41.38
C PRO A 463 -20.57 -5.39 41.35
N THR A 464 -20.16 -5.89 42.51
CA THR A 464 -19.36 -7.10 42.59
C THR A 464 -20.11 -8.32 42.00
N MET A 465 -21.42 -8.20 41.74
CA MET A 465 -22.18 -9.34 41.23
C MET A 465 -21.95 -9.57 39.71
N LYS A 466 -21.32 -8.62 39.04
CA LYS A 466 -20.95 -8.78 37.64
C LYS A 466 -19.79 -9.77 37.36
N TYR A 467 -19.90 -10.48 36.25
CA TYR A 467 -18.83 -11.34 35.74
C TYR A 467 -18.67 -11.34 34.20
N SER A 468 -17.49 -11.78 33.73
CA SER A 468 -17.21 -11.92 32.32
C SER A 468 -17.09 -13.40 31.99
N ARG A 469 -17.34 -13.74 30.72
CA ARG A 469 -17.17 -15.12 30.22
C ARG A 469 -16.42 -15.22 28.89
N PHE A 470 -15.66 -16.28 28.72
CA PHE A 470 -15.21 -16.77 27.45
C PHE A 470 -16.36 -17.68 27.06
N VAL A 471 -17.01 -17.46 25.93
CA VAL A 471 -18.13 -18.28 25.48
C VAL A 471 -17.96 -18.68 24.03
N GLU A 472 -18.45 -19.87 23.68
CA GLU A 472 -18.41 -20.39 22.33
C GLU A 472 -19.82 -20.89 21.93
N TYR A 473 -20.23 -20.65 20.70
CA TYR A 473 -21.53 -21.06 20.21
C TYR A 473 -21.42 -21.87 18.92
N LYS A 474 -22.35 -22.77 18.72
CA LYS A 474 -22.46 -23.51 17.48
C LYS A 474 -23.73 -23.01 16.89
N ILE A 475 -23.64 -22.36 15.73
CA ILE A 475 -24.80 -21.74 15.09
C ILE A 475 -25.17 -22.55 13.86
N ASP A 476 -26.45 -22.88 13.70
CA ASP A 476 -26.94 -23.54 12.49
C ASP A 476 -27.77 -22.49 11.82
N GLU A 477 -27.26 -21.98 10.70
CA GLU A 477 -27.92 -20.91 9.97
C GLU A 477 -29.19 -21.38 9.25
N LYS A 478 -29.17 -22.61 8.74
CA LYS A 478 -30.32 -23.21 8.09
C LYS A 478 -31.48 -23.31 9.06
N LYS A 479 -31.28 -23.99 10.19
CA LYS A 479 -32.30 -24.09 11.24
C LYS A 479 -32.56 -22.76 11.98
N GLY A 480 -31.57 -21.88 12.04
CA GLY A 480 -31.74 -20.63 12.82
C GLY A 480 -31.62 -20.79 14.33
N THR A 481 -30.81 -21.75 14.72
CA THR A 481 -30.60 -22.11 16.12
C THR A 481 -29.16 -21.78 16.52
N VAL A 482 -29.00 -21.48 17.81
CA VAL A 482 -27.72 -21.25 18.42
C VAL A 482 -27.59 -22.15 19.67
N GLN A 483 -26.44 -22.79 19.82
CA GLN A 483 -26.15 -23.62 20.97
C GLN A 483 -24.89 -23.15 21.71
N GLN A 484 -24.97 -22.82 23.00
CA GLN A 484 -23.77 -22.61 23.81
C GLN A 484 -23.03 -23.91 24.08
N VAL A 485 -21.80 -24.03 23.61
CA VAL A 485 -21.08 -25.28 23.64
C VAL A 485 -19.84 -25.20 24.55
N TRP A 486 -19.60 -24.06 25.19
CA TRP A 486 -18.43 -23.91 26.04
C TRP A 486 -18.45 -22.55 26.64
N GLU A 487 -18.11 -22.51 27.92
CA GLU A 487 -17.96 -21.24 28.64
C GLU A 487 -16.93 -21.36 29.74
N TYR A 488 -16.33 -20.23 30.11
CA TYR A 488 -15.40 -20.18 31.19
C TYR A 488 -15.42 -18.75 31.79
N GLY A 489 -15.46 -18.65 33.12
CA GLY A 489 -15.11 -17.40 33.85
C GLY A 489 -16.17 -16.89 34.76
N LYS A 490 -17.38 -17.36 34.54
CA LYS A 490 -18.49 -16.92 35.37
C LYS A 490 -18.23 -17.10 36.85
N GLU A 491 -17.51 -18.18 37.17
CA GLU A 491 -17.27 -18.56 38.54
C GLU A 491 -15.97 -18.01 39.05
N ARG A 492 -15.42 -16.99 38.41
CA ARG A 492 -14.16 -16.39 38.87
C ARG A 492 -14.39 -15.03 39.52
N GLY A 493 -15.62 -14.55 39.40
CA GLY A 493 -16.07 -13.37 40.11
C GLY A 493 -15.48 -12.05 39.64
N TYR A 494 -15.53 -11.06 40.51
CA TYR A 494 -15.13 -9.70 40.17
C TYR A 494 -13.65 -9.53 39.76
N ASP A 495 -12.79 -10.46 40.14
CA ASP A 495 -11.36 -10.36 39.80
C ASP A 495 -11.09 -10.87 38.36
N PHE A 496 -12.14 -11.28 37.68
CA PHE A 496 -12.08 -11.74 36.30
C PHE A 496 -13.04 -10.95 35.44
N TYR A 497 -13.59 -9.88 36.00
CA TYR A 497 -14.56 -9.05 35.32
C TYR A 497 -13.89 -7.87 34.61
N SER A 498 -14.00 -7.90 33.29
CA SER A 498 -13.60 -6.82 32.38
C SER A 498 -14.85 -6.16 31.81
N PRO A 499 -15.18 -4.97 32.34
CA PRO A 499 -16.32 -4.20 31.92
C PRO A 499 -16.25 -3.82 30.45
N ILE A 500 -15.02 -3.62 29.95
CA ILE A 500 -14.74 -3.19 28.58
C ILE A 500 -13.55 -3.95 27.95
N THR A 501 -13.33 -3.62 26.68
CA THR A 501 -12.25 -4.14 25.84
C THR A 501 -12.24 -5.69 25.83
N SER A 502 -11.06 -6.30 25.69
CA SER A 502 -10.80 -7.73 25.90
C SER A 502 -11.07 -8.55 24.65
N ILE A 503 -10.60 -9.78 24.70
CA ILE A 503 -10.59 -10.67 23.55
C ILE A 503 -10.47 -12.14 23.97
N ILE A 504 -11.06 -13.03 23.19
CA ILE A 504 -10.65 -14.43 23.20
C ILE A 504 -10.43 -14.94 21.78
N GLU A 505 -9.72 -16.07 21.71
CA GLU A 505 -9.42 -16.78 20.46
C GLU A 505 -9.04 -18.24 20.74
N TYR A 506 -9.70 -19.18 20.08
CA TYR A 506 -9.36 -20.56 20.23
C TYR A 506 -8.03 -20.89 19.58
N GLN A 507 -7.18 -21.58 20.33
CA GLN A 507 -5.91 -22.08 19.89
C GLN A 507 -5.88 -23.61 19.65
N ALA A 508 -5.88 -24.05 18.39
CA ALA A 508 -5.91 -25.49 18.04
C ALA A 508 -4.60 -26.23 18.28
N ASP A 509 -3.48 -25.52 18.24
CA ASP A 509 -2.21 -26.18 18.40
C ASP A 509 -2.08 -26.94 19.74
N ARG A 510 -2.63 -26.36 20.82
CA ARG A 510 -2.58 -26.95 22.15
C ARG A 510 -3.96 -27.06 22.79
N ASN A 511 -5.01 -26.91 21.99
CA ASN A 511 -6.39 -27.01 22.45
C ASN A 511 -6.66 -26.16 23.67
N THR A 512 -6.36 -24.87 23.55
CA THR A 512 -6.63 -23.92 24.62
C THR A 512 -7.52 -22.82 24.12
N MET A 513 -8.23 -22.18 25.04
CA MET A 513 -8.87 -20.94 24.77
C MET A 513 -7.94 -19.85 25.28
N PHE A 514 -7.35 -19.07 24.38
CA PHE A 514 -6.60 -17.84 24.77
C PHE A 514 -7.56 -16.72 25.09
N GLY A 515 -7.19 -15.89 26.08
CA GLY A 515 -8.05 -14.83 26.47
C GLY A 515 -7.21 -13.69 27.04
N PHE A 516 -7.71 -12.47 26.88
CA PHE A 516 -7.11 -11.31 27.51
C PHE A 516 -8.19 -10.42 28.07
N GLY A 517 -8.30 -10.32 29.40
CA GLY A 517 -9.28 -9.50 30.00
C GLY A 517 -8.59 -8.17 30.26
N GLY A 518 -9.09 -7.09 29.63
CA GLY A 518 -8.33 -5.85 29.55
C GLY A 518 -8.59 -4.78 30.54
N SER A 519 -9.61 -4.97 31.38
CA SER A 519 -10.05 -3.89 32.29
C SER A 519 -10.41 -4.39 33.72
N ILE A 520 -9.84 -5.50 34.17
CA ILE A 520 -10.04 -6.02 35.54
C ILE A 520 -9.64 -4.94 36.53
N HIS A 521 -10.57 -4.62 37.44
CA HIS A 521 -10.38 -3.61 38.48
C HIS A 521 -10.35 -2.19 37.99
N LEU A 522 -10.91 -1.95 36.81
CA LEU A 522 -10.95 -0.62 36.23
C LEU A 522 -11.48 0.42 37.21
N PHE A 523 -12.50 0.05 37.99
CA PHE A 523 -13.16 0.96 38.92
C PHE A 523 -12.54 1.14 40.31
N ASP A 524 -11.45 0.46 40.60
CA ASP A 524 -10.80 0.62 41.86
C ASP A 524 -9.99 1.91 41.74
N VAL A 525 -10.58 3.00 42.16
CA VAL A 525 -9.97 4.32 41.97
C VAL A 525 -8.60 4.35 42.56
N GLY A 526 -7.58 4.64 41.76
CA GLY A 526 -6.21 4.92 42.29
C GLY A 526 -5.33 3.71 42.12
N GLN A 527 -5.88 2.62 41.62
CA GLN A 527 -5.11 1.41 41.44
C GLN A 527 -4.85 1.14 39.96
N PRO A 528 -3.71 0.49 39.67
CA PRO A 528 -3.38 0.09 38.33
C PRO A 528 -4.49 -0.79 37.84
N THR A 529 -4.77 -0.72 36.54
CA THR A 529 -5.75 -1.64 35.91
C THR A 529 -5.02 -2.87 35.49
N VAL A 530 -5.74 -3.99 35.49
CA VAL A 530 -5.17 -5.28 35.29
C VAL A 530 -5.59 -5.85 33.96
N GLY A 531 -4.61 -6.27 33.15
CA GLY A 531 -4.88 -7.00 31.93
C GLY A 531 -4.40 -8.41 32.14
N LYS A 532 -5.34 -9.36 32.06
CA LYS A 532 -5.01 -10.74 32.33
C LYS A 532 -4.99 -11.63 31.11
N LEU A 533 -3.79 -12.11 30.82
CA LEU A 533 -3.56 -13.14 29.82
C LEU A 533 -3.80 -14.52 30.37
N ASN A 534 -4.61 -15.27 29.63
CA ASN A 534 -4.94 -16.64 29.95
C ASN A 534 -4.89 -17.50 28.76
N GLU A 535 -4.34 -18.69 28.95
CA GLU A 535 -4.75 -19.86 28.15
C GLU A 535 -5.40 -20.88 29.07
N ILE A 536 -6.60 -21.31 28.69
CA ILE A 536 -7.41 -22.20 29.50
C ILE A 536 -7.53 -23.47 28.68
N ASP A 537 -7.22 -24.61 29.27
CA ASP A 537 -7.34 -25.88 28.57
C ASP A 537 -8.77 -26.11 28.17
N TYR A 538 -9.00 -26.33 26.88
CA TYR A 538 -10.36 -26.46 26.38
C TYR A 538 -11.13 -27.67 26.94
N LYS A 539 -10.40 -28.75 27.19
CA LYS A 539 -11.00 -30.00 27.70
C LYS A 539 -11.21 -29.99 29.23
N THR A 540 -10.14 -29.71 29.96
CA THR A 540 -10.17 -29.77 31.41
C THR A 540 -10.62 -28.47 32.08
N LYS A 541 -10.57 -27.35 31.34
CA LYS A 541 -10.72 -25.99 31.92
C LYS A 541 -9.64 -25.59 32.90
N GLU A 542 -8.56 -26.36 32.96
CA GLU A 542 -7.40 -26.02 33.78
C GLU A 542 -6.66 -24.81 33.18
N VAL A 543 -6.25 -23.89 34.05
CA VAL A 543 -5.43 -22.77 33.69
C VAL A 543 -4.09 -23.27 33.30
N LYS A 544 -3.73 -23.10 32.02
CA LYS A 544 -2.38 -23.42 31.54
C LYS A 544 -1.41 -22.23 31.57
N VAL A 545 -1.92 -21.02 31.42
CA VAL A 545 -1.13 -19.80 31.51
C VAL A 545 -1.96 -18.73 32.16
N GLU A 546 -1.34 -17.95 33.08
CA GLU A 546 -2.00 -16.79 33.61
C GLU A 546 -0.92 -15.75 33.93
N ILE A 547 -1.05 -14.55 33.37
CA ILE A 547 -0.04 -13.48 33.50
C ILE A 547 -0.78 -12.21 33.50
N ASP A 548 -0.48 -11.40 34.48
CA ASP A 548 -1.15 -10.15 34.67
C ASP A 548 -0.24 -9.02 34.23
N VAL A 549 -0.83 -8.03 33.52
CA VAL A 549 -0.16 -6.78 33.15
C VAL A 549 -0.83 -5.68 33.91
N LEU A 550 -0.05 -4.82 34.56
CA LEU A 550 -0.60 -3.74 35.34
C LEU A 550 -0.30 -2.39 34.66
N SER A 551 -1.34 -1.56 34.48
CA SER A 551 -1.21 -0.31 33.79
C SER A 551 -0.20 0.56 34.52
N ASP A 552 0.44 1.48 33.81
CA ASP A 552 1.48 2.37 34.40
C ASP A 552 0.92 3.63 35.00
N LYS A 553 -0.37 3.82 34.82
CA LYS A 553 -1.15 4.84 35.50
C LYS A 553 -2.43 4.19 35.98
N PRO A 554 -3.02 4.72 37.08
CA PRO A 554 -4.25 4.15 37.60
C PRO A 554 -5.41 4.26 36.64
N ASN A 555 -6.27 3.25 36.69
CA ASN A 555 -7.53 3.36 35.99
C ASN A 555 -7.36 3.74 34.50
N GLN A 556 -6.53 2.94 33.88
CA GLN A 556 -6.10 3.05 32.50
C GLN A 556 -6.26 1.68 31.86
N THR A 557 -7.31 1.52 31.08
CA THR A 557 -7.65 0.24 30.47
C THR A 557 -6.66 -0.22 29.42
N HIS A 558 -6.69 -1.53 29.12
CA HIS A 558 -5.94 -2.14 28.08
C HIS A 558 -6.97 -2.46 27.03
N TYR A 559 -6.50 -2.72 25.80
CA TYR A 559 -7.43 -3.07 24.75
C TYR A 559 -7.44 -4.55 24.50
N ARG A 560 -6.39 -5.06 23.90
CA ARG A 560 -6.34 -6.45 23.44
C ARG A 560 -4.93 -7.01 23.61
N ALA A 561 -4.82 -8.31 23.35
CA ALA A 561 -3.55 -9.01 23.28
C ALA A 561 -3.67 -10.09 22.24
N LEU A 562 -2.51 -10.50 21.74
CA LEU A 562 -2.41 -11.51 20.69
C LEU A 562 -1.40 -12.55 21.13
N LEU A 563 -1.71 -13.78 20.79
CA LEU A 563 -0.76 -14.86 20.90
C LEU A 563 0.02 -14.93 19.58
N VAL A 564 1.30 -14.58 19.63
CA VAL A 564 2.11 -14.42 18.46
C VAL A 564 3.08 -15.60 18.32
N ARG A 565 3.37 -16.00 17.07
CA ARG A 565 4.24 -17.13 16.79
C ARG A 565 5.41 -16.78 15.88
N PRO A 566 6.64 -16.70 16.43
CA PRO A 566 7.87 -16.38 15.72
C PRO A 566 8.07 -17.15 14.43
N GLN A 567 7.56 -18.37 14.37
CA GLN A 567 7.79 -19.22 13.20
C GLN A 567 6.95 -18.76 11.99
N GLN A 568 5.99 -17.85 12.24
CA GLN A 568 5.16 -17.24 11.23
C GLN A 568 5.59 -15.81 10.90
N MET A 569 6.47 -15.24 11.69
CA MET A 569 6.78 -13.83 11.58
C MET A 569 7.56 -13.39 10.35
N PHE A 570 8.38 -14.26 9.80
CA PHE A 570 9.29 -13.93 8.75
C PHE A 570 9.19 -15.02 7.68
N LYS A 571 8.18 -14.91 6.84
CA LYS A 571 7.92 -15.94 5.80
C LYS A 571 8.94 -15.84 4.68
N ALA B 1 -20.87 30.32 14.57
CA ALA B 1 -20.07 29.17 14.07
C ALA B 1 -18.79 29.71 13.41
N GLY B 2 -18.15 28.91 12.56
CA GLY B 2 -16.88 29.32 11.91
C GLY B 2 -17.10 29.68 10.44
N PHE B 3 -16.96 28.69 9.55
CA PHE B 3 -17.16 28.88 8.14
C PHE B 3 -17.82 27.64 7.66
N LYS B 4 -18.91 27.79 6.93
CA LYS B 4 -19.69 26.63 6.48
C LYS B 4 -18.97 25.97 5.35
N PRO B 5 -19.27 24.69 5.14
CA PRO B 5 -18.78 24.04 3.91
C PRO B 5 -19.45 24.65 2.67
N ALA B 6 -18.89 24.41 1.50
CA ALA B 6 -19.48 24.87 0.26
C ALA B 6 -20.85 24.21 0.16
N PRO B 7 -21.89 24.95 -0.26
CA PRO B 7 -23.23 24.38 -0.28
C PRO B 7 -23.45 23.56 -1.50
N PRO B 8 -24.54 22.76 -1.55
CA PRO B 8 -24.69 21.94 -2.73
C PRO B 8 -24.86 22.72 -4.05
N ALA B 9 -24.33 22.18 -5.15
CA ALA B 9 -24.29 22.87 -6.43
C ALA B 9 -25.64 22.68 -7.14
N GLY B 10 -26.08 21.44 -7.25
CA GLY B 10 -27.34 21.15 -7.84
C GLY B 10 -28.14 20.24 -6.98
N GLN B 11 -28.39 19.05 -7.48
CA GLN B 11 -29.22 18.12 -6.78
C GLN B 11 -28.44 17.05 -5.93
N LEU B 12 -27.10 17.14 -5.95
CA LEU B 12 -26.22 16.30 -5.14
C LEU B 12 -25.50 17.27 -4.16
N GLY B 13 -24.20 17.07 -3.91
CA GLY B 13 -23.44 17.97 -2.97
C GLY B 13 -22.72 19.08 -3.65
N ALA B 14 -21.74 19.68 -2.95
CA ALA B 14 -20.92 20.70 -3.54
C ALA B 14 -20.04 20.12 -4.65
N VAL B 15 -19.57 21.02 -5.52
CA VAL B 15 -18.59 20.69 -6.55
C VAL B 15 -17.23 21.30 -6.19
N ILE B 16 -16.32 20.40 -5.81
CA ILE B 16 -15.00 20.71 -5.21
C ILE B 16 -13.98 20.54 -6.26
N VAL B 17 -13.25 21.64 -6.48
CA VAL B 17 -12.14 21.62 -7.41
C VAL B 17 -10.86 21.05 -6.77
N ASP B 18 -10.28 20.00 -7.39
CA ASP B 18 -9.01 19.46 -6.99
C ASP B 18 -9.05 19.01 -5.52
N PRO B 19 -9.89 18.01 -5.25
CA PRO B 19 -10.13 17.68 -3.84
C PRO B 19 -8.85 17.21 -3.16
N TYR B 20 -8.04 16.39 -3.84
CA TYR B 20 -6.80 15.90 -3.28
C TYR B 20 -5.63 16.87 -3.33
N GLY B 21 -5.75 17.95 -4.06
CA GLY B 21 -4.67 19.01 -4.06
C GLY B 21 -3.55 18.69 -5.04
N ASN B 22 -3.67 17.60 -5.80
CA ASN B 22 -2.65 17.19 -6.75
C ASN B 22 -3.00 17.29 -8.26
N ALA B 23 -4.24 17.64 -8.59
CA ALA B 23 -4.74 17.64 -9.97
C ALA B 23 -5.69 18.81 -10.12
N PRO B 24 -5.16 20.01 -10.46
CA PRO B 24 -6.03 21.18 -10.57
C PRO B 24 -7.09 21.18 -11.69
N LEU B 25 -6.98 20.29 -12.65
CA LEU B 25 -7.97 20.22 -13.71
C LEU B 25 -8.94 19.12 -13.47
N THR B 26 -9.18 18.85 -12.19
CA THR B 26 -10.18 17.83 -11.78
C THR B 26 -11.09 18.50 -10.75
N ALA B 27 -12.26 17.92 -10.57
CA ALA B 27 -13.19 18.36 -9.56
C ALA B 27 -13.95 17.12 -9.06
N LEU B 28 -14.73 17.31 -8.00
CA LEU B 28 -15.53 16.22 -7.41
C LEU B 28 -16.87 16.73 -6.99
N VAL B 29 -17.91 16.07 -7.46
CA VAL B 29 -19.25 16.34 -7.00
C VAL B 29 -19.51 15.49 -5.77
N ASP B 30 -19.72 16.13 -4.62
CA ASP B 30 -19.90 15.42 -3.37
C ASP B 30 -21.26 14.72 -3.35
N LEU B 31 -21.25 13.51 -2.83
CA LEU B 31 -22.40 12.60 -2.84
C LEU B 31 -23.45 13.14 -1.87
N ASP B 32 -23.01 13.93 -0.88
CA ASP B 32 -23.88 14.42 0.21
C ASP B 32 -24.95 13.37 0.56
N SER B 33 -24.50 12.14 0.76
CA SER B 33 -25.28 11.01 1.27
C SER B 33 -26.34 10.56 0.31
N HIS B 34 -26.34 11.06 -0.93
CA HIS B 34 -27.26 10.53 -1.96
C HIS B 34 -26.87 9.15 -2.41
N VAL B 35 -27.86 8.31 -2.74
CA VAL B 35 -27.57 6.98 -3.20
C VAL B 35 -27.90 6.98 -4.70
N ILE B 36 -26.89 6.74 -5.52
CA ILE B 36 -26.97 6.92 -6.95
C ILE B 36 -26.27 5.77 -7.68
N SER B 37 -26.65 5.61 -8.95
CA SER B 37 -26.06 4.67 -9.86
C SER B 37 -26.12 5.22 -11.32
N ASP B 38 -25.71 4.38 -12.28
CA ASP B 38 -25.67 4.71 -13.68
C ASP B 38 -25.04 6.09 -13.88
N VAL B 39 -23.88 6.30 -13.28
CA VAL B 39 -23.29 7.65 -13.33
C VAL B 39 -22.48 7.83 -14.63
N LYS B 40 -22.65 9.02 -15.23
CA LYS B 40 -21.99 9.34 -16.48
C LYS B 40 -21.65 10.82 -16.40
N VAL B 41 -20.43 11.16 -16.81
CA VAL B 41 -19.94 12.57 -16.76
C VAL B 41 -19.52 12.97 -18.16
N THR B 42 -19.88 14.19 -18.56
CA THR B 42 -19.50 14.77 -19.85
C THR B 42 -18.89 16.16 -19.60
N VAL B 43 -17.62 16.32 -19.98
CA VAL B 43 -16.98 17.63 -19.97
C VAL B 43 -16.98 18.18 -21.41
N HIS B 44 -17.72 19.26 -21.63
CA HIS B 44 -17.91 19.83 -22.97
C HIS B 44 -16.67 20.46 -23.56
N GLY B 45 -16.52 20.33 -24.87
CA GLY B 45 -15.47 20.98 -25.59
C GLY B 45 -15.47 22.48 -25.40
N LYS B 46 -14.29 23.10 -25.37
CA LYS B 46 -14.16 24.54 -25.39
C LYS B 46 -14.08 24.99 -26.85
N GLY B 47 -14.95 25.95 -27.18
CA GLY B 47 -15.05 26.47 -28.52
C GLY B 47 -15.54 25.43 -29.50
N GLU B 48 -15.43 25.81 -30.77
CA GLU B 48 -16.15 25.18 -31.86
C GLU B 48 -15.54 23.84 -32.11
N LYS B 49 -14.21 23.78 -32.09
CA LYS B 49 -13.49 22.51 -32.36
C LYS B 49 -13.08 21.72 -31.06
N GLY B 50 -13.44 22.25 -29.88
CA GLY B 50 -13.23 21.63 -28.58
C GLY B 50 -13.60 20.20 -28.48
N VAL B 51 -12.69 19.41 -27.88
CA VAL B 51 -12.90 17.97 -27.74
C VAL B 51 -13.72 17.65 -26.48
N GLU B 52 -14.79 16.89 -26.65
CA GLU B 52 -15.64 16.49 -25.55
C GLU B 52 -15.05 15.31 -24.81
N ILE B 53 -15.15 15.30 -23.47
CA ILE B 53 -14.63 14.17 -22.65
C ILE B 53 -15.79 13.57 -21.90
N SER B 54 -16.01 12.26 -22.09
CA SER B 54 -17.19 11.60 -21.56
C SER B 54 -16.83 10.22 -21.05
N TYR B 55 -17.40 9.81 -19.92
CA TYR B 55 -17.07 8.51 -19.30
C TYR B 55 -18.11 8.12 -18.24
N PRO B 56 -18.27 6.83 -18.03
CA PRO B 56 -19.01 6.32 -16.92
C PRO B 56 -18.17 6.29 -15.65
N VAL B 57 -18.82 6.22 -14.48
CA VAL B 57 -18.14 6.13 -13.19
C VAL B 57 -18.68 4.98 -12.39
N GLY B 58 -17.85 4.01 -12.03
CA GLY B 58 -18.29 2.82 -11.26
C GLY B 58 -18.57 3.06 -9.80
N GLN B 59 -19.23 2.08 -9.17
CA GLN B 59 -19.53 2.12 -7.74
C GLN B 59 -18.32 2.24 -6.85
N GLU B 60 -17.25 1.47 -7.11
CA GLU B 60 -16.06 1.59 -6.28
C GLU B 60 -15.55 3.01 -6.26
N SER B 61 -15.67 3.71 -7.40
CA SER B 61 -15.13 5.08 -7.51
C SER B 61 -15.98 6.04 -6.72
N LEU B 62 -17.29 5.87 -6.83
CA LEU B 62 -18.23 6.70 -6.10
C LEU B 62 -18.03 6.54 -4.60
N LYS B 63 -17.92 5.29 -4.20
CA LYS B 63 -17.61 4.92 -2.79
C LYS B 63 -16.26 5.47 -2.29
N THR B 64 -15.23 5.34 -3.12
CA THR B 64 -13.87 5.75 -2.78
C THR B 64 -13.76 7.22 -2.69
N TYR B 65 -14.40 7.96 -3.60
CA TYR B 65 -14.30 9.43 -3.60
C TYR B 65 -15.41 10.04 -2.78
N ASP B 66 -16.41 9.25 -2.44
CA ASP B 66 -17.63 9.79 -1.85
C ASP B 66 -18.20 10.94 -2.71
N GLY B 67 -18.29 10.65 -4.00
CA GLY B 67 -18.65 11.64 -4.97
C GLY B 67 -18.35 11.23 -6.38
N VAL B 68 -18.78 12.09 -7.31
CA VAL B 68 -18.57 11.87 -8.75
C VAL B 68 -17.31 12.62 -9.18
N PRO B 69 -16.35 11.88 -9.72
CA PRO B 69 -15.12 12.44 -10.13
C PRO B 69 -15.30 13.12 -11.49
N ILE B 70 -14.87 14.38 -11.55
CA ILE B 70 -14.84 15.15 -12.82
C ILE B 70 -13.43 15.33 -13.39
N PHE B 71 -13.21 14.62 -14.48
CA PHE B 71 -11.94 14.58 -15.20
C PHE B 71 -12.08 15.30 -16.58
N GLY B 72 -11.03 16.01 -16.98
CA GLY B 72 -10.87 16.55 -18.32
C GLY B 72 -11.08 18.03 -18.49
N LEU B 73 -10.92 18.78 -17.43
CA LEU B 73 -11.18 20.20 -17.45
C LEU B 73 -10.02 20.95 -18.11
N TYR B 74 -10.31 22.18 -18.55
CA TYR B 74 -9.38 23.07 -19.18
C TYR B 74 -8.94 23.97 -18.06
N GLN B 75 -7.71 24.45 -18.17
CA GLN B 75 -7.23 25.39 -17.20
C GLN B 75 -7.89 26.76 -17.36
N LYS B 76 -8.06 27.45 -16.26
CA LYS B 76 -8.50 28.82 -16.23
C LYS B 76 -9.71 29.08 -17.12
N PHE B 77 -10.74 28.28 -16.91
CA PHE B 77 -11.87 28.25 -17.78
C PHE B 77 -13.15 27.97 -17.01
N ALA B 78 -14.26 28.51 -17.53
CA ALA B 78 -15.59 28.22 -17.01
C ALA B 78 -16.07 26.97 -17.70
N ASN B 79 -15.62 25.83 -17.22
CA ASN B 79 -15.96 24.52 -17.86
C ASN B 79 -17.42 24.16 -17.70
N LYS B 80 -17.98 23.52 -18.75
CA LYS B 80 -19.37 23.15 -18.75
C LYS B 80 -19.38 21.65 -18.61
N VAL B 81 -19.99 21.19 -17.51
CA VAL B 81 -19.90 19.81 -17.10
C VAL B 81 -21.31 19.32 -16.88
N THR B 82 -21.59 18.14 -17.42
CA THR B 82 -22.88 17.50 -17.26
C THR B 82 -22.73 16.13 -16.57
N VAL B 83 -23.49 15.93 -15.49
CA VAL B 83 -23.45 14.69 -14.74
C VAL B 83 -24.85 14.11 -14.75
N GLU B 84 -24.92 12.86 -15.11
CA GLU B 84 -26.16 12.13 -15.19
C GLU B 84 -26.11 10.88 -14.32
N TRP B 85 -27.19 10.66 -13.57
CA TRP B 85 -27.33 9.47 -12.77
C TRP B 85 -28.75 9.00 -12.61
N LYS B 86 -28.91 7.85 -11.95
CA LYS B 86 -30.22 7.31 -11.53
C LYS B 86 -30.27 7.37 -10.01
N GLU B 87 -31.42 7.74 -9.46
CA GLU B 87 -31.60 7.86 -8.02
C GLU B 87 -33.05 7.66 -7.70
N ASN B 88 -33.32 6.71 -6.82
CA ASN B 88 -34.68 6.30 -6.47
C ASN B 88 -35.46 5.90 -7.72
N GLY B 89 -34.80 5.17 -8.62
CA GLY B 89 -35.42 4.69 -9.85
C GLY B 89 -35.61 5.71 -10.97
N LYS B 90 -35.23 6.96 -10.74
CA LYS B 90 -35.54 8.09 -11.59
C LYS B 90 -34.28 8.68 -12.27
N VAL B 91 -34.42 9.05 -13.55
CA VAL B 91 -33.32 9.56 -14.37
C VAL B 91 -33.06 11.00 -13.94
N MET B 92 -31.80 11.30 -13.64
CA MET B 92 -31.37 12.61 -13.09
C MET B 92 -30.24 13.23 -13.86
N LYS B 93 -30.14 14.56 -13.79
CA LYS B 93 -29.10 15.27 -14.51
C LYS B 93 -28.86 16.61 -13.88
N ASP B 94 -27.60 17.03 -13.86
CA ASP B 94 -27.25 18.38 -13.40
C ASP B 94 -26.24 18.94 -14.40
N ASP B 95 -26.24 20.28 -14.50
CA ASP B 95 -25.31 20.96 -15.37
C ASP B 95 -24.57 21.84 -14.45
N TYR B 96 -23.24 21.81 -14.56
CA TYR B 96 -22.38 22.57 -13.64
C TYR B 96 -21.45 23.46 -14.44
N VAL B 97 -21.20 24.64 -13.90
CA VAL B 97 -20.10 25.46 -14.39
C VAL B 97 -18.95 25.37 -13.35
N VAL B 98 -17.86 24.71 -13.74
CA VAL B 98 -16.70 24.43 -12.90
C VAL B 98 -15.56 25.30 -13.38
N HIS B 99 -15.38 26.44 -12.70
CA HIS B 99 -14.20 27.27 -12.89
C HIS B 99 -12.93 26.64 -12.31
N THR B 100 -11.86 26.62 -13.08
CA THR B 100 -10.59 26.08 -12.69
C THR B 100 -9.57 27.22 -12.65
N SER B 101 -8.42 26.97 -12.04
CA SER B 101 -7.27 27.91 -11.98
C SER B 101 -6.20 27.51 -13.01
N ALA B 102 -5.02 28.11 -12.89
CA ALA B 102 -3.90 27.89 -13.80
C ALA B 102 -3.04 26.67 -13.45
N ILE B 103 -2.39 26.15 -14.50
CA ILE B 103 -1.28 25.19 -14.45
C ILE B 103 -0.02 26.00 -14.13
N VAL B 104 0.77 25.56 -13.15
CA VAL B 104 2.04 26.25 -12.76
C VAL B 104 3.26 25.33 -12.98
N ASN B 105 4.28 25.87 -13.66
CA ASN B 105 5.58 25.27 -13.73
C ASN B 105 6.45 25.94 -12.72
N ASN B 106 6.82 25.16 -11.68
CA ASN B 106 7.61 25.67 -10.56
C ASN B 106 9.12 25.66 -10.76
N TYR B 107 9.54 25.34 -11.98
CA TYR B 107 10.94 25.13 -12.32
C TYR B 107 11.31 25.87 -13.60
N MET B 108 11.67 27.17 -13.44
CA MET B 108 12.02 28.00 -14.57
C MET B 108 13.30 28.83 -14.29
N ASP B 109 14.10 29.03 -15.34
CA ASP B 109 15.31 29.89 -15.23
C ASP B 109 15.52 30.48 -16.63
N ASN B 110 16.72 31.00 -16.85
CA ASN B 110 17.06 31.69 -18.09
C ASN B 110 17.04 30.75 -19.29
N ARG B 111 16.98 29.47 -19.08
CA ARG B 111 16.88 28.56 -20.22
C ARG B 111 15.46 28.42 -20.70
N SER B 112 14.49 28.83 -19.87
CA SER B 112 13.11 28.62 -20.16
C SER B 112 12.73 29.43 -21.43
N ILE B 113 12.08 28.74 -22.37
CA ILE B 113 11.46 29.33 -23.56
C ILE B 113 10.22 30.06 -23.13
N SER B 114 9.30 29.32 -22.49
CA SER B 114 8.14 29.85 -21.74
C SER B 114 7.81 28.85 -20.61
N ASP B 115 6.76 29.09 -19.84
CA ASP B 115 6.47 28.26 -18.69
C ASP B 115 5.97 26.86 -19.03
N LEU B 116 5.10 26.73 -20.01
CA LEU B 116 4.60 25.39 -20.43
C LEU B 116 5.20 24.87 -21.72
N GLN B 117 5.03 23.58 -21.96
CA GLN B 117 5.51 22.98 -23.16
C GLN B 117 4.49 23.25 -24.27
N GLN B 118 4.95 23.63 -25.47
CA GLN B 118 4.04 23.92 -26.57
C GLN B 118 3.63 22.66 -27.27
N THR B 119 2.39 22.66 -27.74
CA THR B 119 1.92 21.57 -28.58
C THR B 119 1.71 22.05 -30.04
N LYS B 120 1.89 21.14 -31.01
CA LYS B 120 1.59 21.45 -32.42
C LYS B 120 0.86 20.27 -33.01
N VAL B 121 -0.42 20.45 -33.37
CA VAL B 121 -1.17 19.35 -34.00
C VAL B 121 -0.73 19.30 -35.49
N ILE B 122 -0.20 18.15 -35.90
CA ILE B 122 0.22 17.92 -37.27
C ILE B 122 -0.87 17.20 -38.08
N LYS B 123 -1.47 16.18 -37.52
CA LYS B 123 -2.48 15.40 -38.24
C LYS B 123 -3.40 14.77 -37.22
N VAL B 124 -4.71 14.83 -37.51
CA VAL B 124 -5.70 14.03 -36.78
C VAL B 124 -6.68 13.45 -37.82
N ALA B 125 -6.50 12.21 -38.22
CA ALA B 125 -7.50 11.57 -39.07
C ALA B 125 -8.91 11.60 -38.46
N PRO B 126 -9.94 11.52 -39.32
CA PRO B 126 -11.30 11.38 -38.84
C PRO B 126 -11.47 10.11 -38.04
N GLY B 127 -12.22 10.22 -36.97
CA GLY B 127 -12.43 9.09 -36.05
C GLY B 127 -11.41 8.95 -34.92
N PHE B 128 -10.42 9.83 -34.89
CA PHE B 128 -9.37 9.82 -33.88
C PHE B 128 -9.40 11.11 -33.07
N GLU B 129 -10.48 11.89 -33.18
CA GLU B 129 -10.56 13.20 -32.53
C GLU B 129 -10.65 13.12 -31.00
N ASP B 130 -11.16 12.00 -30.50
CA ASP B 130 -11.34 11.80 -29.06
C ASP B 130 -10.07 11.41 -28.26
N ARG B 131 -9.01 10.98 -28.96
CA ARG B 131 -7.84 10.39 -28.36
C ARG B 131 -7.18 11.35 -27.31
N LEU B 132 -6.82 10.78 -26.15
CA LEU B 132 -6.12 11.53 -25.08
C LEU B 132 -4.80 10.85 -24.78
N TYR B 133 -3.78 11.67 -24.56
CA TYR B 133 -2.42 11.19 -24.43
C TYR B 133 -1.78 11.79 -23.19
N LEU B 134 -1.32 10.92 -22.29
CA LEU B 134 -0.65 11.34 -21.07
C LEU B 134 0.82 11.43 -21.37
N VAL B 135 1.36 12.60 -21.22
CA VAL B 135 2.74 12.80 -21.54
C VAL B 135 3.59 12.85 -20.28
N ASN B 136 4.59 11.96 -20.25
CA ASN B 136 5.50 11.78 -19.15
C ASN B 136 6.81 12.48 -19.50
N THR B 137 6.86 13.76 -19.22
CA THR B 137 8.05 14.51 -19.53
C THR B 137 8.51 15.27 -18.29
N HIS B 138 9.51 16.14 -18.46
CA HIS B 138 10.30 16.62 -17.35
C HIS B 138 10.90 17.94 -17.72
N THR B 139 11.36 18.67 -16.71
CA THR B 139 11.89 19.99 -16.92
C THR B 139 13.09 20.26 -16.00
N PHE B 140 14.19 20.77 -16.54
CA PHE B 140 15.42 20.96 -15.78
C PHE B 140 15.22 21.83 -14.58
N THR B 141 15.96 21.50 -13.53
CA THR B 141 15.97 22.31 -12.30
C THR B 141 17.11 23.34 -12.38
N ALA B 142 16.98 24.44 -11.67
CA ALA B 142 17.98 25.49 -11.72
C ALA B 142 19.35 25.02 -11.31
N GLN B 143 19.45 24.18 -10.27
CA GLN B 143 20.78 23.71 -9.73
C GLN B 143 21.32 22.48 -10.41
N GLY B 144 20.48 21.76 -11.12
CA GLY B 144 20.93 20.54 -11.70
C GLY B 144 21.18 19.47 -10.67
N SER B 145 21.93 18.46 -11.04
CA SER B 145 22.30 17.35 -10.13
C SER B 145 23.06 17.88 -8.94
N ASP B 146 22.48 17.79 -7.75
CA ASP B 146 23.16 18.37 -6.58
C ASP B 146 23.65 17.27 -5.56
N LEU B 147 23.28 15.98 -5.76
CA LEU B 147 23.55 14.97 -4.77
C LEU B 147 24.06 13.65 -5.34
N HIS B 148 24.95 13.01 -4.56
CA HIS B 148 25.57 11.73 -4.88
C HIS B 148 25.41 10.76 -3.70
N TRP B 149 25.25 9.48 -4.01
CA TRP B 149 25.55 8.45 -3.05
C TRP B 149 27.07 8.40 -2.79
N HIS B 150 27.46 8.12 -1.55
CA HIS B 150 28.84 7.87 -1.12
C HIS B 150 29.15 6.40 -1.34
N GLY B 151 30.28 6.13 -1.98
CA GLY B 151 30.72 4.74 -2.17
C GLY B 151 31.94 4.41 -1.29
N GLU B 152 32.68 3.41 -1.73
CA GLU B 152 33.83 2.87 -0.98
C GLU B 152 35.13 3.24 -1.70
N LYS B 153 36.06 3.81 -0.93
CA LYS B 153 37.35 4.23 -1.45
C LYS B 153 38.08 3.01 -2.02
N ASP B 154 38.57 3.16 -3.23
CA ASP B 154 39.26 2.09 -3.95
C ASP B 154 40.75 2.11 -3.50
N LYS B 155 41.36 0.91 -3.46
CA LYS B 155 42.76 0.71 -2.94
C LYS B 155 43.78 1.51 -3.77
N ASN B 156 43.43 1.77 -5.04
CA ASN B 156 44.25 2.60 -5.91
C ASN B 156 44.02 4.13 -5.76
N ALA B 157 43.15 4.53 -4.86
CA ALA B 157 42.82 5.93 -4.66
C ALA B 157 43.91 6.56 -3.81
N GLY B 158 44.09 7.87 -3.96
CA GLY B 158 45.00 8.63 -3.12
C GLY B 158 44.71 8.45 -1.65
N ILE B 159 45.76 8.39 -0.85
CA ILE B 159 45.67 8.18 0.60
C ILE B 159 44.81 9.25 1.22
N LEU B 160 45.00 10.50 0.78
CA LEU B 160 44.39 11.67 1.41
C LEU B 160 42.97 11.94 0.85
N ASP B 161 42.63 11.32 -0.28
CA ASP B 161 41.42 11.62 -1.05
C ASP B 161 40.15 11.32 -0.28
N ALA B 162 39.14 12.15 -0.46
CA ALA B 162 37.84 11.92 0.09
C ALA B 162 37.31 10.68 -0.66
N GLY B 163 36.28 10.04 -0.14
CA GLY B 163 35.70 8.87 -0.82
C GLY B 163 34.95 9.23 -2.09
N PRO B 164 34.75 8.24 -2.94
CA PRO B 164 34.17 8.46 -4.19
C PRO B 164 32.65 8.45 -4.07
N ALA B 165 31.98 8.74 -5.20
CA ALA B 165 30.55 8.57 -5.37
C ALA B 165 30.27 7.17 -5.90
N THR B 166 29.01 6.79 -5.89
CA THR B 166 28.59 5.51 -6.48
C THR B 166 27.12 5.67 -6.89
N GLY B 167 26.58 4.78 -7.71
CA GLY B 167 25.15 4.78 -8.00
C GLY B 167 24.74 5.88 -8.95
N ALA B 168 23.45 6.27 -8.87
CA ALA B 168 22.85 7.16 -9.86
C ALA B 168 21.90 8.18 -9.20
N LEU B 169 22.31 8.73 -8.07
CA LEU B 169 21.44 9.66 -7.37
C LEU B 169 21.25 10.96 -8.19
N PRO B 170 22.29 11.37 -8.96
CA PRO B 170 22.17 12.55 -9.90
C PRO B 170 21.08 12.47 -11.00
N PHE B 171 20.52 11.26 -11.24
CA PHE B 171 19.44 11.08 -12.18
C PHE B 171 18.15 11.61 -11.56
N ASP B 172 18.07 12.94 -11.55
CA ASP B 172 17.08 13.66 -10.78
C ASP B 172 16.65 14.89 -11.59
N ILE B 173 15.35 15.09 -11.72
CA ILE B 173 14.77 16.16 -12.54
C ILE B 173 13.28 16.42 -12.16
N ALA B 174 12.83 17.66 -12.37
CA ALA B 174 11.44 18.00 -12.08
C ALA B 174 10.53 17.33 -13.07
N PRO B 175 9.37 16.87 -12.61
CA PRO B 175 8.44 16.29 -13.61
C PRO B 175 7.59 17.36 -14.36
N PHE B 176 7.08 17.00 -15.54
CA PHE B 176 6.12 17.88 -16.28
C PHE B 176 5.06 16.91 -16.86
N THR B 177 3.93 16.80 -16.20
CA THR B 177 3.02 15.65 -16.42
C THR B 177 1.62 16.15 -16.77
N PHE B 178 1.20 15.92 -18.02
CA PHE B 178 -0.06 16.42 -18.55
C PHE B 178 -0.71 15.45 -19.53
N ILE B 179 -2.01 15.63 -19.74
CA ILE B 179 -2.75 14.96 -20.81
C ILE B 179 -3.11 16.00 -21.86
N VAL B 180 -2.86 15.64 -23.12
CA VAL B 180 -3.10 16.52 -24.28
C VAL B 180 -4.22 15.89 -25.12
N ASP B 181 -5.19 16.71 -25.54
CA ASP B 181 -6.20 16.27 -26.58
C ASP B 181 -5.70 16.56 -28.03
N THR B 182 -6.49 16.09 -29.02
CA THR B 182 -6.15 16.26 -30.45
C THR B 182 -6.32 17.70 -30.96
N GLU B 183 -6.71 18.63 -30.10
CA GLU B 183 -6.57 20.04 -30.40
C GLU B 183 -5.36 20.67 -29.79
N GLY B 184 -4.54 19.84 -29.12
CA GLY B 184 -3.36 20.32 -28.45
C GLY B 184 -3.56 20.98 -27.12
N GLU B 185 -4.77 20.88 -26.59
CA GLU B 185 -5.11 21.46 -25.32
C GLU B 185 -4.74 20.50 -24.12
N TYR B 186 -4.21 21.09 -23.04
CA TYR B 186 -3.96 20.37 -21.80
C TYR B 186 -5.30 20.09 -21.11
N ARG B 187 -5.60 18.81 -20.88
CA ARG B 187 -6.88 18.42 -20.24
C ARG B 187 -6.69 17.73 -18.86
N TRP B 188 -5.42 17.64 -18.42
CA TRP B 188 -5.05 17.12 -17.09
C TRP B 188 -3.64 17.59 -16.76
N TRP B 189 -3.41 17.75 -15.48
CA TRP B 189 -2.12 18.20 -14.96
C TRP B 189 -1.86 17.55 -13.58
N LEU B 190 -0.71 16.89 -13.44
CA LEU B 190 -0.30 16.37 -12.16
C LEU B 190 0.66 17.37 -11.53
N ASP B 191 0.19 18.02 -10.48
CA ASP B 191 1.03 18.96 -9.72
C ASP B 191 2.45 18.46 -9.53
N GLN B 192 3.45 19.28 -9.81
CA GLN B 192 4.81 18.86 -9.68
C GLN B 192 5.16 18.49 -8.21
N ASP B 193 4.48 19.10 -7.26
CA ASP B 193 4.70 18.87 -5.84
C ASP B 193 4.10 17.58 -5.35
N THR B 194 3.33 16.91 -6.20
CA THR B 194 2.75 15.64 -5.79
C THR B 194 3.83 14.76 -5.27
N PHE B 195 4.83 14.47 -6.09
CA PHE B 195 5.90 13.60 -5.74
C PHE B 195 7.26 14.30 -5.60
N TYR B 196 7.44 15.55 -6.08
CA TYR B 196 8.81 16.07 -6.27
C TYR B 196 8.97 17.37 -5.53
N ASP B 197 10.17 17.61 -4.97
CA ASP B 197 10.51 18.91 -4.37
C ASP B 197 11.99 19.14 -4.68
N GLY B 198 12.29 19.91 -5.71
CA GLY B 198 13.65 20.12 -6.14
C GLY B 198 14.37 21.16 -5.37
N ARG B 199 13.64 21.94 -4.60
CA ARG B 199 14.30 22.99 -3.77
C ARG B 199 14.74 22.52 -2.34
N ASP B 200 14.01 21.61 -1.76
CA ASP B 200 14.41 20.93 -0.54
C ASP B 200 15.40 19.80 -0.80
N ARG B 201 16.09 19.33 0.24
CA ARG B 201 17.03 18.21 0.11
C ARG B 201 16.53 17.01 0.84
N ASP B 202 15.26 16.74 0.71
CA ASP B 202 14.73 15.52 1.18
C ASP B 202 14.69 14.54 -0.02
N ILE B 203 15.58 13.58 0.00
CA ILE B 203 15.75 12.59 -1.07
C ILE B 203 14.51 11.75 -1.31
N ASN B 204 13.63 11.76 -0.33
CA ASN B 204 12.32 11.11 -0.48
C ASN B 204 11.50 11.75 -1.57
N LYS B 205 11.81 13.02 -1.84
CA LYS B 205 11.12 13.73 -2.91
C LYS B 205 11.99 14.10 -4.08
N ARG B 206 12.97 13.28 -4.38
CA ARG B 206 13.87 13.45 -5.50
C ARG B 206 13.84 12.23 -6.41
N GLY B 207 14.34 12.39 -7.64
CA GLY B 207 14.44 11.37 -8.61
C GLY B 207 13.93 11.80 -9.95
N TYR B 208 13.50 10.83 -10.75
CA TYR B 208 13.07 11.09 -12.11
C TYR B 208 11.82 10.32 -12.36
N LEU B 209 10.65 11.00 -12.36
CA LEU B 209 9.39 10.28 -12.38
C LEU B 209 9.15 9.57 -13.70
N MET B 210 9.06 8.24 -13.68
CA MET B 210 9.04 7.43 -14.88
C MET B 210 8.23 6.20 -14.66
N GLY B 211 8.06 5.41 -15.69
CA GLY B 211 7.33 4.15 -15.58
C GLY B 211 5.93 4.33 -15.17
N ILE B 212 5.24 5.34 -15.74
CA ILE B 212 3.83 5.57 -15.50
C ILE B 212 3.13 4.46 -16.31
N ARG B 213 2.52 3.50 -15.63
CA ARG B 213 1.79 2.41 -16.30
C ARG B 213 0.47 2.11 -15.66
N GLU B 214 -0.54 1.76 -16.49
CA GLU B 214 -1.86 1.52 -15.99
C GLU B 214 -1.91 0.22 -15.23
N THR B 215 -2.77 0.17 -14.21
CA THR B 215 -2.98 -1.03 -13.39
C THR B 215 -4.33 -1.65 -13.78
N PRO B 216 -4.60 -2.88 -13.30
CA PRO B 216 -5.95 -3.45 -13.52
C PRO B 216 -7.12 -2.65 -12.95
N ARG B 217 -6.84 -1.65 -12.12
CA ARG B 217 -7.90 -0.83 -11.56
C ARG B 217 -8.17 0.46 -12.28
N GLY B 218 -7.45 0.70 -13.37
CA GLY B 218 -7.52 1.99 -14.07
C GLY B 218 -6.70 3.09 -13.45
N THR B 219 -5.89 2.69 -12.49
CA THR B 219 -5.00 3.63 -11.77
C THR B 219 -3.61 3.45 -12.34
N PHE B 220 -2.62 4.22 -11.84
CA PHE B 220 -1.29 4.08 -12.38
C PHE B 220 -0.19 3.92 -11.34
N THR B 221 0.80 3.09 -11.62
CA THR B 221 2.04 3.02 -10.85
C THR B 221 3.10 3.88 -11.45
N ALA B 222 4.09 4.24 -10.65
CA ALA B 222 5.22 5.01 -11.14
C ALA B 222 6.41 4.84 -10.15
N VAL B 223 7.64 5.23 -10.57
CA VAL B 223 8.84 5.25 -9.75
C VAL B 223 9.42 6.66 -9.75
N GLN B 224 10.00 7.05 -8.64
CA GLN B 224 10.80 8.31 -8.60
C GLN B 224 11.83 8.08 -7.52
N GLY B 225 13.03 7.80 -7.97
CA GLY B 225 14.22 7.73 -7.10
C GLY B 225 14.16 6.53 -6.22
N GLN B 226 13.86 6.76 -4.94
CA GLN B 226 13.91 5.69 -3.93
C GLN B 226 12.52 5.26 -3.47
N HIS B 227 11.49 5.72 -4.17
CA HIS B 227 10.13 5.33 -3.90
C HIS B 227 9.45 4.84 -5.15
N TRP B 228 8.41 4.04 -4.96
CA TRP B 228 7.43 3.71 -5.96
C TRP B 228 6.03 4.06 -5.49
N TYR B 229 5.16 4.40 -6.43
CA TYR B 229 3.85 4.97 -6.16
C TYR B 229 2.72 4.35 -6.99
N GLU B 230 1.50 4.62 -6.57
CA GLU B 230 0.31 4.38 -7.29
C GLU B 230 -0.53 5.58 -7.12
N PHE B 231 -1.10 6.07 -8.23
CA PHE B 231 -1.98 7.23 -8.18
C PHE B 231 -3.12 7.06 -9.13
N ASP B 232 -4.17 7.85 -8.95
CA ASP B 232 -5.32 7.82 -9.85
C ASP B 232 -5.55 9.14 -10.54
N MET B 233 -6.52 9.13 -11.47
CA MET B 233 -6.78 10.35 -12.26
C MET B 233 -7.40 11.54 -11.54
N MET B 234 -7.79 11.35 -10.28
CA MET B 234 -8.13 12.49 -9.42
C MET B 234 -6.95 13.13 -8.69
N GLY B 235 -5.76 12.58 -8.93
CA GLY B 235 -4.55 12.99 -8.27
C GLY B 235 -4.39 12.40 -6.86
N GLN B 236 -5.09 11.30 -6.60
CA GLN B 236 -5.03 10.67 -5.27
C GLN B 236 -3.84 9.72 -5.24
N VAL B 237 -2.88 10.02 -4.35
CA VAL B 237 -1.72 9.12 -4.14
C VAL B 237 -2.20 7.88 -3.34
N LEU B 238 -2.36 6.77 -4.02
CA LEU B 238 -2.88 5.56 -3.47
C LEU B 238 -1.85 4.65 -2.77
N GLU B 239 -0.65 4.53 -3.33
CA GLU B 239 0.47 3.93 -2.67
C GLU B 239 1.70 4.85 -2.72
N ASP B 240 2.50 4.73 -1.68
CA ASP B 240 3.84 5.36 -1.58
C ASP B 240 4.68 4.46 -0.70
N HIS B 241 5.59 3.75 -1.37
CA HIS B 241 6.51 2.78 -0.77
C HIS B 241 7.94 3.18 -0.94
N LYS B 242 8.68 3.14 0.13
CA LYS B 242 10.12 3.14 0.02
C LYS B 242 10.58 1.84 -0.62
N LEU B 243 11.69 1.93 -1.36
CA LEU B 243 12.30 0.73 -1.93
C LEU B 243 12.79 -0.12 -0.77
N PRO B 244 12.75 -1.48 -0.90
CA PRO B 244 13.33 -2.35 0.11
C PRO B 244 14.78 -1.92 0.39
N ARG B 245 15.27 -2.16 1.60
CA ARG B 245 16.53 -1.48 2.08
C ARG B 245 17.73 -1.89 1.25
N GLY B 246 17.67 -3.03 0.56
CA GLY B 246 18.82 -3.43 -0.24
C GLY B 246 19.03 -2.75 -1.58
N PHE B 247 18.04 -1.96 -2.03
CA PHE B 247 17.96 -1.44 -3.38
C PHE B 247 17.80 0.04 -3.46
N ALA B 248 18.20 0.56 -4.62
CA ALA B 248 18.22 2.00 -4.84
C ALA B 248 17.94 2.34 -6.32
N ASP B 249 17.70 3.62 -6.55
CA ASP B 249 17.68 4.23 -7.91
C ASP B 249 16.69 3.44 -8.82
N ALA B 250 15.40 3.56 -8.56
CA ALA B 250 14.36 2.97 -9.40
C ALA B 250 14.04 3.95 -10.57
N THR B 251 14.22 3.46 -11.79
CA THR B 251 13.96 4.25 -12.97
C THR B 251 13.24 3.47 -14.04
N HIS B 252 12.74 4.22 -15.04
CA HIS B 252 12.32 3.71 -16.34
C HIS B 252 11.00 2.94 -16.40
N GLU B 253 10.69 2.12 -15.42
CA GLU B 253 9.51 1.22 -15.53
C GLU B 253 8.95 0.80 -14.19
N SER B 254 7.65 0.56 -14.17
CA SER B 254 6.95 -0.10 -13.08
C SER B 254 5.74 -0.73 -13.73
N ILE B 255 5.46 -2.01 -13.48
CA ILE B 255 4.27 -2.61 -14.07
C ILE B 255 3.66 -3.66 -13.14
N GLU B 256 2.39 -3.49 -12.84
CA GLU B 256 1.67 -4.40 -12.03
C GLU B 256 1.33 -5.65 -12.84
N THR B 257 1.46 -6.82 -12.20
CA THR B 257 1.15 -8.13 -12.82
C THR B 257 -0.24 -8.57 -12.45
N PRO B 258 -0.73 -9.65 -13.09
CA PRO B 258 -2.03 -10.18 -12.70
C PRO B 258 -2.10 -10.70 -11.26
N ASN B 259 -0.94 -10.95 -10.67
CA ASN B 259 -0.85 -11.54 -9.34
C ASN B 259 -0.84 -10.45 -8.28
N GLY B 260 -1.14 -9.22 -8.65
CA GLY B 260 -1.13 -8.17 -7.69
C GLY B 260 0.23 -7.66 -7.24
N THR B 261 1.33 -8.14 -7.83
CA THR B 261 2.68 -7.66 -7.59
C THR B 261 3.06 -6.56 -8.61
N VAL B 262 4.15 -5.86 -8.34
CA VAL B 262 4.64 -4.77 -9.17
C VAL B 262 6.11 -5.06 -9.51
N LEU B 263 6.48 -5.00 -10.80
CA LEU B 263 7.85 -5.20 -11.21
C LEU B 263 8.55 -3.85 -11.35
N LEU B 264 9.76 -3.75 -10.84
CA LEU B 264 10.53 -2.50 -10.78
C LEU B 264 11.92 -2.74 -11.30
N ARG B 265 12.57 -1.65 -11.70
CA ARG B 265 13.89 -1.72 -12.27
C ARG B 265 14.74 -0.87 -11.30
N VAL B 266 15.70 -1.48 -10.60
CA VAL B 266 16.46 -0.76 -9.60
C VAL B 266 17.94 -1.03 -9.76
N GLY B 267 18.70 -0.50 -8.81
CA GLY B 267 20.08 -0.93 -8.57
C GLY B 267 20.18 -1.58 -7.20
N LYS B 268 21.25 -2.32 -6.95
CA LYS B 268 21.56 -2.92 -5.66
C LYS B 268 22.55 -2.01 -4.96
N SER B 269 22.14 -1.47 -3.82
CA SER B 269 23.06 -0.77 -2.93
C SER B 269 23.95 -1.77 -2.14
N ASN B 270 25.16 -1.32 -1.81
CA ASN B 270 26.14 -2.17 -1.06
C ASN B 270 26.36 -3.58 -1.70
N TYR B 271 26.47 -3.57 -3.03
CA TYR B 271 26.75 -4.76 -3.83
C TYR B 271 28.22 -4.99 -3.64
N ARG B 272 28.54 -6.18 -3.16
CA ARG B 272 29.94 -6.57 -2.94
C ARG B 272 30.46 -7.23 -4.21
N ARG B 273 31.35 -6.50 -4.88
CA ARG B 273 32.00 -7.07 -6.06
C ARG B 273 32.96 -8.21 -5.69
N ASP B 274 33.32 -9.05 -6.66
CA ASP B 274 34.35 -10.10 -6.44
C ASP B 274 35.65 -9.53 -5.87
N ASP B 275 36.05 -8.34 -6.27
CA ASP B 275 37.24 -7.74 -5.70
C ASP B 275 37.02 -7.09 -4.31
N GLY B 276 35.84 -7.35 -3.74
CA GLY B 276 35.49 -6.86 -2.43
C GLY B 276 35.13 -5.40 -2.29
N VAL B 277 35.14 -4.63 -3.39
CA VAL B 277 34.65 -3.26 -3.40
C VAL B 277 33.11 -3.26 -3.45
N HIS B 278 32.54 -2.37 -2.64
CA HIS B 278 31.13 -2.19 -2.59
C HIS B 278 30.76 -1.01 -3.47
N VAL B 279 29.74 -1.26 -4.28
CA VAL B 279 29.15 -0.26 -5.16
C VAL B 279 27.63 -0.29 -5.09
N THR B 280 26.98 0.78 -5.52
CA THR B 280 25.56 0.71 -5.92
C THR B 280 25.58 0.41 -7.41
N THR B 281 24.98 -0.72 -7.80
CA THR B 281 24.94 -1.01 -9.14
C THR B 281 23.94 -0.13 -9.90
N ILE B 282 24.10 -0.11 -11.24
CA ILE B 282 23.37 0.73 -12.19
C ILE B 282 22.36 -0.11 -13.03
N ARG B 283 21.08 0.10 -12.81
CA ARG B 283 20.05 -0.26 -13.77
C ARG B 283 20.16 -1.67 -14.21
N ASP B 284 20.42 -2.53 -13.25
CA ASP B 284 20.66 -3.96 -13.56
C ASP B 284 20.02 -4.94 -12.60
N HIS B 285 19.06 -4.48 -11.80
CA HIS B 285 18.30 -5.39 -10.96
C HIS B 285 16.83 -5.25 -11.20
N ILE B 286 16.13 -6.37 -11.18
CA ILE B 286 14.68 -6.39 -11.28
C ILE B 286 14.05 -6.85 -9.95
N LEU B 287 13.14 -6.07 -9.39
CA LEU B 287 12.37 -6.47 -8.24
C LEU B 287 10.99 -6.87 -8.61
N GLU B 288 10.48 -7.88 -7.94
CA GLU B 288 9.03 -8.07 -7.85
C GLU B 288 8.61 -7.82 -6.44
N VAL B 289 7.76 -6.84 -6.26
CA VAL B 289 7.32 -6.44 -4.93
C VAL B 289 5.83 -6.55 -4.82
N ASP B 290 5.35 -6.77 -3.60
CA ASP B 290 3.93 -6.73 -3.30
C ASP B 290 3.48 -5.41 -2.81
N LYS B 291 2.18 -5.28 -2.59
CA LYS B 291 1.61 -4.01 -2.14
C LYS B 291 1.88 -3.63 -0.70
N SER B 292 2.61 -4.49 0.00
CA SER B 292 3.20 -4.21 1.30
C SER B 292 4.61 -3.65 1.15
N GLY B 293 5.07 -3.57 -0.10
CA GLY B 293 6.43 -3.14 -0.41
C GLY B 293 7.48 -4.18 -0.19
N ARG B 294 7.05 -5.42 0.03
CA ARG B 294 7.96 -6.49 0.36
C ARG B 294 8.52 -7.12 -0.92
N VAL B 295 9.70 -7.71 -0.86
CA VAL B 295 10.34 -8.32 -2.04
C VAL B 295 9.82 -9.76 -2.21
N VAL B 296 9.18 -10.03 -3.33
CA VAL B 296 8.65 -11.37 -3.68
C VAL B 296 9.72 -12.12 -4.45
N ASP B 297 10.53 -11.38 -5.22
CA ASP B 297 11.63 -11.96 -5.97
C ASP B 297 12.60 -10.90 -6.45
N VAL B 298 13.81 -11.33 -6.76
CA VAL B 298 14.76 -10.44 -7.34
C VAL B 298 15.54 -11.13 -8.42
N TRP B 299 15.80 -10.42 -9.53
CA TRP B 299 16.71 -10.89 -10.58
C TRP B 299 17.95 -10.01 -10.59
N ASP B 300 19.09 -10.59 -10.22
CA ASP B 300 20.39 -9.96 -10.29
C ASP B 300 21.03 -10.25 -11.65
N LEU B 301 20.95 -9.28 -12.54
CA LEU B 301 21.30 -9.49 -13.96
C LEU B 301 22.79 -9.58 -14.12
N THR B 302 23.55 -9.07 -13.13
CA THR B 302 24.98 -9.26 -13.14
C THR B 302 25.42 -10.75 -13.02
N LYS B 303 24.55 -11.59 -12.53
CA LYS B 303 24.84 -13.02 -12.49
C LYS B 303 24.05 -13.76 -13.55
N ILE B 304 23.19 -13.07 -14.28
CA ILE B 304 22.34 -13.71 -15.27
C ILE B 304 22.85 -13.47 -16.72
N LEU B 305 23.09 -12.21 -17.08
CA LEU B 305 23.63 -11.85 -18.39
C LEU B 305 25.13 -11.68 -18.24
N ASP B 306 25.76 -11.02 -19.21
CA ASP B 306 27.19 -10.93 -19.25
C ASP B 306 27.55 -9.46 -19.21
N PRO B 307 28.03 -9.00 -18.05
CA PRO B 307 28.43 -7.59 -17.85
C PRO B 307 29.73 -7.15 -18.44
N LYS B 308 30.36 -8.07 -19.12
CA LYS B 308 31.60 -7.72 -19.81
C LYS B 308 31.45 -7.64 -21.32
N ARG B 309 30.28 -7.98 -21.86
CA ARG B 309 30.02 -7.86 -23.29
C ARG B 309 29.92 -6.42 -23.69
N ASP B 310 30.95 -5.94 -24.41
CA ASP B 310 31.02 -4.56 -24.83
C ASP B 310 30.73 -4.35 -26.33
N ALA B 311 30.16 -5.37 -26.98
CA ALA B 311 29.89 -5.33 -28.43
C ALA B 311 29.06 -4.09 -28.76
N LEU B 312 28.01 -3.82 -28.00
CA LEU B 312 27.25 -2.61 -28.23
C LEU B 312 27.79 -1.39 -27.47
N LEU B 313 28.24 -1.59 -26.26
CA LEU B 313 28.71 -0.48 -25.43
C LEU B 313 29.76 0.39 -26.09
N GLY B 314 30.63 -0.25 -26.86
CA GLY B 314 31.71 0.44 -27.55
C GLY B 314 31.32 1.13 -28.85
N ALA B 315 30.09 0.93 -29.29
CA ALA B 315 29.55 1.39 -30.58
C ALA B 315 28.62 2.58 -30.39
N LEU B 316 28.56 3.12 -29.18
CA LEU B 316 27.55 4.12 -28.81
C LEU B 316 28.02 5.54 -29.03
N ASP B 317 27.07 6.43 -29.24
CA ASP B 317 27.31 7.88 -29.30
C ASP B 317 27.45 8.41 -27.85
N ALA B 318 28.61 8.99 -27.56
CA ALA B 318 28.89 9.69 -26.29
C ALA B 318 27.81 10.74 -25.90
N GLY B 319 27.21 11.36 -26.91
CA GLY B 319 26.22 12.39 -26.71
C GLY B 319 24.95 11.98 -25.99
N ALA B 320 24.57 10.68 -26.05
CA ALA B 320 23.34 10.12 -25.41
C ALA B 320 23.53 9.57 -23.95
N VAL B 321 23.62 8.25 -23.83
CA VAL B 321 23.81 7.56 -22.53
C VAL B 321 22.60 7.82 -21.63
N ALA B 328 26.94 17.79 -25.69
CA ALA B 328 27.70 18.20 -26.98
C ALA B 328 29.09 17.49 -27.27
N HIS B 329 29.21 16.21 -26.86
CA HIS B 329 30.17 15.21 -27.45
C HIS B 329 29.33 14.27 -28.34
N ALA B 330 28.40 14.90 -29.07
CA ALA B 330 27.50 14.16 -29.93
C ALA B 330 28.23 13.78 -31.23
N GLY B 331 27.80 12.69 -31.87
CA GLY B 331 28.46 12.15 -33.05
C GLY B 331 29.66 11.30 -32.70
N GLN B 332 30.20 11.48 -31.47
CA GLN B 332 31.45 10.81 -31.08
C GLN B 332 31.20 9.39 -30.50
N GLN B 333 31.82 8.37 -31.10
CA GLN B 333 31.67 6.98 -30.68
C GLN B 333 32.43 6.73 -29.37
N ALA B 334 31.71 6.20 -28.37
CA ALA B 334 32.24 5.96 -27.02
C ALA B 334 33.52 5.12 -27.06
N LYS B 335 34.57 5.65 -26.43
CA LYS B 335 35.79 4.88 -26.19
C LYS B 335 35.86 4.40 -24.72
N LEU B 336 35.62 3.11 -24.54
CA LEU B 336 35.57 2.51 -23.23
C LEU B 336 36.96 2.55 -22.63
N GLU B 337 37.02 2.70 -21.31
CA GLU B 337 38.25 2.69 -20.56
C GLU B 337 38.26 1.67 -19.43
N PRO B 338 39.41 1.00 -19.24
CA PRO B 338 39.50 0.03 -18.14
C PRO B 338 39.38 0.65 -16.75
N ASP B 339 39.63 1.94 -16.66
CA ASP B 339 39.61 2.61 -15.37
C ASP B 339 38.48 3.66 -15.19
N THR B 340 37.38 3.50 -15.96
CA THR B 340 36.20 4.37 -15.80
C THR B 340 35.74 4.18 -14.34
N PRO B 341 35.68 5.27 -13.55
CA PRO B 341 35.29 5.11 -12.13
C PRO B 341 33.88 4.66 -11.99
N PHE B 342 33.61 3.88 -10.95
CA PHE B 342 32.29 3.31 -10.80
C PHE B 342 31.28 4.47 -10.71
N GLY B 343 30.09 4.19 -11.22
CA GLY B 343 29.06 5.24 -11.31
C GLY B 343 28.16 5.11 -12.51
N ASP B 344 27.30 6.10 -12.73
CA ASP B 344 26.42 6.10 -13.89
C ASP B 344 27.25 6.54 -15.09
N ALA B 345 28.02 5.61 -15.65
CA ALA B 345 29.01 5.87 -16.67
C ALA B 345 29.07 4.63 -17.54
N LEU B 346 29.13 4.85 -18.86
CA LEU B 346 29.27 3.77 -19.85
C LEU B 346 30.53 2.97 -19.58
N GLY B 347 30.37 1.67 -19.49
CA GLY B 347 31.46 0.79 -19.20
C GLY B 347 30.92 -0.58 -18.81
N VAL B 348 31.86 -1.50 -18.70
CA VAL B 348 31.54 -2.89 -18.36
C VAL B 348 31.64 -3.05 -16.81
N GLY B 349 31.00 -4.11 -16.34
CA GLY B 349 31.13 -4.55 -14.97
C GLY B 349 30.06 -4.04 -14.01
N PRO B 350 29.81 -4.79 -12.92
CA PRO B 350 28.91 -4.37 -11.86
C PRO B 350 29.46 -3.08 -11.24
N GLY B 351 28.66 -2.03 -11.18
CA GLY B 351 29.10 -0.71 -10.74
C GLY B 351 29.16 0.34 -11.85
N ARG B 352 29.06 -0.15 -13.10
CA ARG B 352 28.98 0.76 -14.27
C ARG B 352 27.73 0.46 -15.05
N ASN B 353 27.43 1.27 -16.06
CA ASN B 353 26.18 1.17 -16.79
C ASN B 353 26.26 0.22 -17.96
N TRP B 354 26.46 -1.04 -17.63
CA TRP B 354 26.76 -2.09 -18.59
C TRP B 354 25.49 -2.58 -19.24
N ALA B 355 24.34 -2.38 -18.59
CA ALA B 355 23.04 -3.01 -19.04
C ALA B 355 22.00 -1.97 -19.44
N HIS B 356 21.84 -0.97 -18.57
CA HIS B 356 20.81 0.03 -18.67
C HIS B 356 19.48 -0.54 -19.08
N VAL B 357 18.92 -1.43 -18.26
CA VAL B 357 17.61 -1.99 -18.51
C VAL B 357 16.53 -0.91 -18.33
N ASN B 358 15.63 -0.80 -19.32
CA ASN B 358 14.69 0.31 -19.42
C ASN B 358 13.23 -0.08 -19.68
N SER B 359 12.93 -1.36 -19.68
CA SER B 359 11.57 -1.77 -19.75
C SER B 359 11.40 -3.18 -19.23
N ILE B 360 10.19 -3.50 -18.82
CA ILE B 360 9.82 -4.83 -18.31
C ILE B 360 8.48 -5.23 -18.81
N ALA B 361 8.37 -6.52 -19.15
CA ALA B 361 7.14 -7.12 -19.50
C ALA B 361 6.99 -8.50 -18.84
N TYR B 362 5.83 -8.78 -18.29
CA TYR B 362 5.60 -10.04 -17.62
C TYR B 362 4.84 -10.94 -18.59
N ASP B 363 5.37 -12.14 -18.77
CA ASP B 363 4.72 -13.18 -19.50
C ASP B 363 4.04 -14.15 -18.55
N ALA B 364 2.75 -14.03 -18.41
CA ALA B 364 2.00 -14.85 -17.53
C ALA B 364 1.86 -16.27 -18.02
N LYS B 365 2.24 -16.56 -19.25
CA LYS B 365 2.14 -17.93 -19.80
C LYS B 365 3.15 -18.84 -19.11
N ASP B 366 4.38 -18.37 -18.90
CA ASP B 366 5.41 -19.14 -18.22
C ASP B 366 6.06 -18.43 -16.99
N ASP B 367 5.40 -17.40 -16.47
CA ASP B 367 5.86 -16.69 -15.31
C ASP B 367 7.29 -16.25 -15.51
N SER B 368 7.51 -15.51 -16.59
CA SER B 368 8.84 -14.99 -16.93
C SER B 368 8.77 -13.49 -17.15
N ILE B 369 9.96 -12.89 -17.28
CA ILE B 369 10.06 -11.45 -17.55
C ILE B 369 10.87 -11.20 -18.83
N ILE B 370 10.34 -10.29 -19.65
CA ILE B 370 11.05 -9.82 -20.86
C ILE B 370 11.63 -8.45 -20.55
N LEU B 371 12.91 -8.28 -20.83
CA LEU B 371 13.58 -7.04 -20.52
C LEU B 371 14.23 -6.40 -21.74
N SER B 372 14.16 -5.07 -21.82
CA SER B 372 14.95 -4.31 -22.77
C SER B 372 16.17 -3.80 -22.05
N SER B 373 17.35 -4.31 -22.42
CA SER B 373 18.63 -3.77 -22.05
C SER B 373 19.12 -2.89 -23.20
N ARG B 374 19.34 -1.61 -22.89
CA ARG B 374 19.70 -0.66 -23.86
C ARG B 374 21.06 -0.97 -24.42
N HIS B 375 21.92 -1.56 -23.60
CA HIS B 375 23.32 -1.78 -23.94
C HIS B 375 23.68 -3.21 -24.28
N GLN B 376 22.69 -4.07 -24.44
CA GLN B 376 22.94 -5.47 -24.73
C GLN B 376 21.91 -6.09 -25.64
N GLY B 377 20.67 -5.62 -25.60
CA GLY B 377 19.59 -6.28 -26.32
C GLY B 377 18.36 -6.56 -25.52
N VAL B 378 17.55 -7.45 -26.06
CA VAL B 378 16.31 -7.85 -25.45
C VAL B 378 16.39 -9.33 -25.05
N VAL B 379 15.93 -9.66 -23.82
CA VAL B 379 16.10 -11.00 -23.18
C VAL B 379 14.84 -11.41 -22.48
N LYS B 380 14.53 -12.69 -22.51
CA LYS B 380 13.58 -13.25 -21.61
C LYS B 380 14.36 -14.00 -20.54
N ILE B 381 14.00 -13.79 -19.27
CA ILE B 381 14.62 -14.52 -18.13
C ILE B 381 13.49 -15.18 -17.36
N GLY B 382 13.68 -16.44 -17.03
CA GLY B 382 12.65 -17.18 -16.33
C GLY B 382 12.59 -16.83 -14.85
N ARG B 383 11.47 -17.25 -14.25
CA ARG B 383 11.36 -17.35 -12.77
C ARG B 383 12.61 -18.00 -12.15
N ASP B 384 13.08 -19.04 -12.83
CA ASP B 384 14.29 -19.78 -12.46
C ASP B 384 15.61 -19.06 -12.70
N LYS B 385 15.55 -17.79 -13.08
CA LYS B 385 16.75 -16.97 -13.26
C LYS B 385 17.60 -17.45 -14.43
N GLN B 386 17.04 -18.31 -15.31
CA GLN B 386 17.74 -18.72 -16.54
CA GLN B 386 17.79 -18.74 -16.49
C GLN B 386 17.33 -17.89 -17.72
N VAL B 387 18.30 -17.50 -18.55
CA VAL B 387 18.01 -16.83 -19.84
C VAL B 387 17.27 -17.82 -20.74
N LYS B 388 16.09 -17.45 -21.21
CA LYS B 388 15.30 -18.29 -22.11
C LYS B 388 15.59 -17.94 -23.57
N TRP B 389 15.65 -16.64 -23.90
CA TRP B 389 16.13 -16.20 -25.21
C TRP B 389 16.69 -14.82 -25.19
N ILE B 390 17.52 -14.54 -26.21
CA ILE B 390 18.09 -13.23 -26.53
C ILE B 390 17.76 -12.83 -27.99
N LEU B 391 17.27 -11.60 -28.17
CA LEU B 391 17.15 -10.90 -29.47
C LEU B 391 18.21 -9.86 -29.51
N ALA B 392 19.32 -10.14 -30.16
CA ALA B 392 20.41 -9.21 -30.28
C ALA B 392 21.37 -9.74 -31.38
N PRO B 393 22.19 -8.84 -31.97
CA PRO B 393 23.29 -9.25 -32.83
C PRO B 393 24.21 -10.20 -32.08
N SER B 394 24.84 -11.12 -32.80
CA SER B 394 25.52 -12.23 -32.20
C SER B 394 26.91 -11.84 -31.64
N LYS B 395 27.47 -10.75 -32.09
CA LYS B 395 28.81 -10.38 -31.68
C LYS B 395 28.84 -10.27 -30.17
N GLY B 396 29.90 -10.80 -29.57
CA GLY B 396 30.26 -10.51 -28.18
C GLY B 396 29.66 -11.49 -27.18
N TRP B 397 28.67 -12.26 -27.64
CA TRP B 397 28.05 -13.25 -26.80
C TRP B 397 28.85 -14.54 -26.74
N GLU B 398 29.27 -14.90 -25.52
CA GLU B 398 29.91 -16.19 -25.28
C GLU B 398 28.85 -17.18 -24.93
N LYS B 399 29.10 -18.47 -25.14
CA LYS B 399 28.13 -19.46 -24.61
C LYS B 399 28.47 -19.63 -23.11
N PRO B 400 27.48 -19.87 -22.26
CA PRO B 400 26.17 -20.45 -22.54
C PRO B 400 25.16 -19.55 -23.28
N LEU B 401 25.43 -18.23 -23.31
CA LEU B 401 24.38 -17.27 -23.69
C LEU B 401 24.15 -17.26 -25.21
N ALA B 402 25.23 -17.33 -26.00
CA ALA B 402 25.12 -17.39 -27.48
C ALA B 402 24.09 -18.40 -27.91
N SER B 403 24.00 -19.52 -27.21
CA SER B 403 23.05 -20.59 -27.61
C SER B 403 21.61 -20.17 -27.48
N LYS B 404 21.40 -19.04 -26.80
CA LYS B 404 20.07 -18.52 -26.52
C LYS B 404 19.59 -17.46 -27.53
N LEU B 405 20.52 -16.97 -28.36
CA LEU B 405 20.19 -16.02 -29.43
C LEU B 405 19.10 -16.58 -30.36
N LEU B 406 18.06 -15.79 -30.58
CA LEU B 406 16.98 -16.19 -31.49
C LEU B 406 17.53 -16.08 -32.94
N LYS B 407 17.05 -16.99 -33.81
CA LYS B 407 17.50 -17.05 -35.21
C LYS B 407 16.51 -16.35 -36.16
N PRO B 408 16.93 -15.27 -36.84
CA PRO B 408 16.08 -14.55 -37.82
C PRO B 408 15.56 -15.47 -38.94
N VAL B 409 14.26 -15.46 -39.17
CA VAL B 409 13.63 -16.25 -40.21
C VAL B 409 12.63 -15.37 -41.00
N ASP B 410 12.30 -15.74 -42.25
CA ASP B 410 11.32 -15.01 -43.07
C ASP B 410 9.90 -15.49 -42.86
N ALA B 411 8.94 -15.00 -43.66
CA ALA B 411 7.54 -15.40 -43.53
C ALA B 411 7.28 -16.89 -43.78
N ASN B 412 8.20 -17.56 -44.47
CA ASN B 412 8.12 -19.01 -44.70
C ASN B 412 9.01 -19.80 -43.75
N GLY B 413 9.67 -19.10 -42.82
CA GLY B 413 10.48 -19.74 -41.79
C GLY B 413 11.86 -20.15 -42.24
N LYS B 414 12.29 -19.62 -43.38
CA LYS B 414 13.62 -19.90 -43.88
C LYS B 414 14.60 -18.91 -43.30
N PRO B 415 15.77 -19.38 -42.86
CA PRO B 415 16.79 -18.53 -42.27
C PRO B 415 17.11 -17.27 -43.06
N ILE B 416 17.28 -16.14 -42.38
CA ILE B 416 17.77 -14.90 -42.98
C ILE B 416 19.23 -14.78 -42.57
N THR B 417 20.09 -14.22 -43.43
CA THR B 417 21.53 -14.29 -43.19
C THR B 417 21.97 -12.98 -42.70
N CYS B 418 22.60 -12.94 -41.54
CA CYS B 418 23.03 -11.70 -40.90
C CYS B 418 24.41 -11.90 -40.37
N ASN B 419 25.22 -10.84 -40.43
CA ASN B 419 26.53 -10.89 -39.88
C ASN B 419 26.46 -10.70 -38.35
N GLU B 420 27.62 -10.69 -37.71
CA GLU B 420 27.69 -10.58 -36.27
C GLU B 420 27.28 -9.20 -35.75
N ASN B 421 27.24 -8.20 -36.63
CA ASN B 421 26.80 -6.87 -36.27
C ASN B 421 25.34 -6.66 -36.42
N GLY B 422 24.63 -7.70 -36.87
CA GLY B 422 23.19 -7.62 -37.05
C GLY B 422 22.71 -7.08 -38.39
N LEU B 423 23.64 -6.84 -39.32
CA LEU B 423 23.31 -6.43 -40.71
C LEU B 423 22.91 -7.66 -41.49
N CYS B 424 21.66 -7.69 -41.92
CA CYS B 424 21.11 -8.83 -42.66
C CYS B 424 21.15 -8.66 -44.20
N GLU B 425 21.24 -9.78 -44.90
CA GLU B 425 21.30 -9.83 -46.36
C GLU B 425 19.91 -10.06 -46.93
N ASN B 426 19.55 -9.23 -47.90
CA ASN B 426 18.38 -9.48 -48.76
C ASN B 426 17.11 -9.57 -47.96
N SER B 427 16.99 -8.66 -46.97
CA SER B 427 15.88 -8.72 -45.99
C SER B 427 15.55 -7.37 -45.42
N ASP B 428 14.29 -7.21 -45.07
CA ASP B 428 13.83 -6.10 -44.27
C ASP B 428 14.16 -6.29 -42.74
N PHE B 429 14.39 -7.55 -42.35
CA PHE B 429 14.76 -7.87 -40.98
C PHE B 429 15.94 -7.04 -40.51
N ASP B 430 15.76 -6.45 -39.35
CA ASP B 430 16.88 -5.84 -38.62
C ASP B 430 16.61 -6.04 -37.10
N PHE B 431 17.71 -6.06 -36.32
CA PHE B 431 17.65 -6.21 -34.88
C PHE B 431 17.29 -4.84 -34.29
N THR B 432 17.23 -4.74 -32.96
CA THR B 432 17.02 -3.44 -32.32
C THR B 432 18.31 -3.01 -31.66
N TYR B 433 18.47 -1.70 -31.51
CA TYR B 433 19.73 -1.15 -31.02
C TYR B 433 19.37 0.00 -30.09
N THR B 434 19.83 -0.10 -28.82
CA THR B 434 19.56 0.91 -27.78
C THR B 434 18.05 1.13 -27.61
N GLN B 435 17.29 0.02 -27.79
CA GLN B 435 15.86 0.07 -27.84
C GLN B 435 15.16 0.26 -26.46
N HS8 B 436 13.83 0.45 -26.52
CA HS8 B 436 12.93 0.66 -25.41
CB HS8 B 436 12.60 2.11 -25.24
CG HS8 B 436 13.78 2.98 -24.88
ND1 HS8 B 436 14.90 3.06 -25.67
CE1 HS8 B 436 15.74 3.98 -25.14
NE2 HS8 B 436 15.38 4.19 -23.85
CD2 HS8 B 436 14.05 3.76 -23.79
C HS8 B 436 11.63 -0.12 -25.54
O HS8 B 436 11.32 -0.69 -26.58
O3 HS8 B 436 15.35 5.89 -21.61
S HS8 B 436 16.26 5.18 -22.47
O1 HS8 B 436 16.96 4.05 -21.83
O2 HS8 B 436 17.21 6.05 -23.07
N THR B 437 10.89 -0.15 -24.44
CA THR B 437 9.57 -0.67 -24.39
C THR B 437 9.38 -1.93 -25.23
N ALA B 438 10.15 -2.95 -24.84
CA ALA B 438 9.95 -4.34 -25.34
C ALA B 438 8.78 -4.99 -24.67
N TRP B 439 7.59 -4.80 -25.23
CA TRP B 439 6.34 -5.25 -24.62
C TRP B 439 5.58 -6.30 -25.44
N ILE B 440 4.68 -7.00 -24.78
CA ILE B 440 3.84 -8.02 -25.35
C ILE B 440 2.57 -7.35 -25.81
N SER B 441 2.26 -7.47 -27.11
CA SER B 441 1.07 -6.82 -27.67
C SER B 441 -0.12 -7.71 -27.49
N SER B 442 -1.32 -7.14 -27.60
CA SER B 442 -2.57 -7.89 -27.61
C SER B 442 -2.64 -8.96 -28.70
N LYS B 443 -1.78 -8.81 -29.72
CA LYS B 443 -1.70 -9.73 -30.86
C LYS B 443 -0.80 -10.91 -30.62
N GLY B 444 -0.16 -10.96 -29.45
CA GLY B 444 0.80 -12.01 -29.15
C GLY B 444 2.11 -11.85 -29.87
N THR B 445 2.57 -10.61 -29.96
CA THR B 445 3.86 -10.34 -30.56
C THR B 445 4.66 -9.46 -29.61
N LEU B 446 5.91 -9.28 -29.94
CA LEU B 446 6.81 -8.44 -29.19
C LEU B 446 7.01 -7.11 -29.92
N THR B 447 6.52 -6.02 -29.34
CA THR B 447 6.71 -4.72 -29.93
C THR B 447 7.84 -4.00 -29.22
N ILE B 448 8.60 -3.23 -29.97
CA ILE B 448 9.82 -2.54 -29.50
C ILE B 448 9.99 -1.17 -30.18
N PHE B 449 10.44 -0.19 -29.44
CA PHE B 449 10.88 1.04 -30.03
C PHE B 449 12.37 0.92 -30.26
N ASP B 450 12.75 0.81 -31.53
CA ASP B 450 14.13 0.62 -31.96
C ASP B 450 14.77 1.97 -32.20
N ASN B 451 15.26 2.54 -31.12
CA ASN B 451 15.89 3.89 -31.20
C ASN B 451 16.88 4.02 -32.34
N GLY B 452 17.88 3.16 -32.36
CA GLY B 452 18.80 3.06 -33.47
C GLY B 452 20.15 3.67 -33.27
N ASP B 453 20.50 4.04 -32.06
CA ASP B 453 21.91 4.50 -31.84
C ASP B 453 22.82 3.29 -31.81
N GLY B 454 24.02 3.41 -32.37
CA GLY B 454 24.92 2.26 -32.53
C GLY B 454 24.36 1.15 -33.39
N ARG B 455 23.51 1.49 -34.35
CA ARG B 455 22.94 0.50 -35.26
C ARG B 455 24.03 -0.27 -36.00
N HIS B 456 23.81 -1.57 -36.13
CA HIS B 456 24.81 -2.51 -36.66
C HIS B 456 26.15 -2.36 -35.97
N LEU B 457 26.10 -2.00 -34.70
CA LEU B 457 27.26 -1.99 -33.82
C LEU B 457 28.39 -1.12 -34.30
N GLU B 458 28.02 0.02 -34.83
CA GLU B 458 28.97 1.09 -35.13
C GLU B 458 28.26 2.39 -35.20
N GLN B 459 29.00 3.49 -35.13
CA GLN B 459 28.47 4.78 -35.48
C GLN B 459 28.61 5.01 -37.02
N PRO B 460 27.63 5.68 -37.65
CA PRO B 460 27.64 5.82 -39.10
C PRO B 460 28.63 6.87 -39.60
N ALA B 461 28.78 6.92 -40.93
CA ALA B 461 29.75 7.77 -41.61
C ALA B 461 29.57 9.19 -41.19
N LEU B 462 28.32 9.64 -41.21
CA LEU B 462 27.98 10.98 -40.76
C LEU B 462 26.83 10.90 -39.76
N PRO B 463 26.74 11.91 -38.85
CA PRO B 463 25.88 11.90 -37.65
C PRO B 463 24.41 11.76 -37.90
N THR B 464 23.92 12.42 -38.95
CA THR B 464 22.50 12.39 -39.26
C THR B 464 22.09 11.09 -39.98
N MET B 465 23.01 10.14 -40.12
CA MET B 465 22.70 8.91 -40.81
C MET B 465 22.13 7.90 -39.82
N LYS B 466 21.04 8.31 -39.16
CA LYS B 466 20.40 7.54 -38.06
C LYS B 466 18.91 7.59 -38.20
N TYR B 467 18.25 6.52 -37.79
CA TYR B 467 16.81 6.49 -37.82
C TYR B 467 16.27 5.55 -36.75
N SER B 468 14.99 5.77 -36.39
CA SER B 468 14.30 4.98 -35.40
C SER B 468 13.25 4.18 -36.15
N ARG B 469 12.79 3.12 -35.51
CA ARG B 469 11.71 2.29 -36.01
C ARG B 469 10.72 1.87 -34.88
N PHE B 470 9.43 1.88 -35.20
CA PHE B 470 8.45 1.07 -34.50
C PHE B 470 8.60 -0.32 -35.12
N VAL B 471 8.89 -1.37 -34.35
CA VAL B 471 9.07 -2.73 -34.89
C VAL B 471 8.30 -3.77 -34.06
N GLU B 472 7.81 -4.81 -34.74
CA GLU B 472 7.07 -5.88 -34.10
C GLU B 472 7.61 -7.19 -34.63
N TYR B 473 7.79 -8.18 -33.72
CA TYR B 473 8.33 -9.50 -34.03
C TYR B 473 7.43 -10.59 -33.57
N LYS B 474 7.50 -11.70 -34.28
CA LYS B 474 6.83 -12.93 -33.88
C LYS B 474 7.93 -13.90 -33.45
N ILE B 475 7.83 -14.44 -32.22
CA ILE B 475 8.88 -15.28 -31.67
C ILE B 475 8.35 -16.68 -31.47
N ASP B 476 9.07 -17.64 -32.04
CA ASP B 476 8.78 -19.05 -31.84
C ASP B 476 9.85 -19.57 -30.89
N GLU B 477 9.45 -19.70 -29.63
CA GLU B 477 10.39 -20.02 -28.57
C GLU B 477 10.86 -21.46 -28.64
N LYS B 478 9.95 -22.39 -28.99
CA LYS B 478 10.34 -23.77 -29.16
C LYS B 478 11.37 -23.94 -30.29
N LYS B 479 11.14 -23.31 -31.45
CA LYS B 479 12.07 -23.40 -32.59
C LYS B 479 13.26 -22.46 -32.44
N GLY B 480 13.15 -21.51 -31.51
CA GLY B 480 14.22 -20.55 -31.30
C GLY B 480 14.38 -19.51 -32.39
N THR B 481 13.27 -19.10 -32.99
CA THR B 481 13.32 -18.25 -34.19
C THR B 481 12.58 -16.95 -33.95
N VAL B 482 12.92 -15.93 -34.73
CA VAL B 482 12.31 -14.62 -34.64
C VAL B 482 11.98 -14.12 -36.05
N GLN B 483 10.76 -13.67 -36.25
CA GLN B 483 10.37 -13.07 -37.52
C GLN B 483 9.96 -11.59 -37.34
N GLN B 484 10.53 -10.66 -38.11
CA GLN B 484 10.05 -9.28 -38.11
C GLN B 484 8.79 -9.19 -38.93
N VAL B 485 7.68 -8.82 -38.31
CA VAL B 485 6.36 -8.83 -38.99
C VAL B 485 5.78 -7.42 -39.24
N TRP B 486 6.51 -6.37 -38.86
CA TRP B 486 5.98 -5.02 -39.03
C TRP B 486 7.04 -4.03 -38.64
N GLU B 487 7.18 -2.97 -39.44
CA GLU B 487 8.03 -1.84 -39.08
C GLU B 487 7.52 -0.52 -39.65
N TYR B 488 8.08 0.59 -39.14
CA TYR B 488 7.72 1.89 -39.54
C TYR B 488 8.77 2.87 -39.02
N GLY B 489 9.12 3.87 -39.85
CA GLY B 489 9.92 5.01 -39.48
C GLY B 489 11.30 5.07 -40.07
N LYS B 490 11.75 3.95 -40.58
CA LYS B 490 13.07 3.85 -41.18
C LYS B 490 13.26 4.83 -42.34
N GLU B 491 12.17 5.13 -43.06
CA GLU B 491 12.19 6.10 -44.15
C GLU B 491 12.06 7.57 -43.70
N ARG B 492 11.86 7.85 -42.41
CA ARG B 492 11.51 9.20 -41.99
C ARG B 492 12.72 9.95 -41.56
N GLY B 493 13.83 9.22 -41.58
CA GLY B 493 15.16 9.82 -41.36
C GLY B 493 15.45 10.40 -39.99
N TYR B 494 16.49 11.20 -39.93
CA TYR B 494 16.91 11.78 -38.71
C TYR B 494 15.82 12.59 -38.07
N ASP B 495 14.94 13.16 -38.85
CA ASP B 495 13.84 13.94 -38.28
C ASP B 495 12.83 13.12 -37.49
N PHE B 496 12.96 11.80 -37.47
CA PHE B 496 12.08 10.91 -36.73
C PHE B 496 12.95 10.04 -35.79
N TYR B 497 14.19 10.46 -35.59
CA TYR B 497 15.18 9.74 -34.81
C TYR B 497 15.14 10.27 -33.40
N SER B 498 14.80 9.34 -32.50
CA SER B 498 14.92 9.54 -31.03
C SER B 498 16.11 8.72 -30.56
N PRO B 499 17.23 9.39 -30.27
CA PRO B 499 18.37 8.67 -29.78
C PRO B 499 18.14 7.98 -28.42
N ILE B 500 17.26 8.55 -27.60
CA ILE B 500 16.88 7.99 -26.32
C ILE B 500 15.39 7.91 -26.10
N THR B 501 15.05 7.29 -24.97
CA THR B 501 13.70 7.22 -24.40
C THR B 501 12.71 6.59 -25.37
N SER B 502 11.43 6.95 -25.29
CA SER B 502 10.44 6.64 -26.34
C SER B 502 9.73 5.34 -26.05
N ILE B 503 8.65 5.10 -26.80
CA ILE B 503 7.78 3.98 -26.56
C ILE B 503 6.87 3.70 -27.76
N ILE B 504 6.55 2.43 -27.96
CA ILE B 504 5.38 2.12 -28.79
C ILE B 504 4.45 1.12 -28.08
N GLU B 505 3.23 0.96 -28.60
CA GLU B 505 2.26 0.03 -28.10
C GLU B 505 1.14 -0.20 -29.11
N TYR B 506 0.91 -1.44 -29.48
CA TYR B 506 -0.20 -1.75 -30.36
C TYR B 506 -1.55 -1.50 -29.74
N GLN B 507 -2.41 -0.83 -30.51
CA GLN B 507 -3.79 -0.52 -30.10
C GLN B 507 -4.78 -1.32 -30.92
N ALA B 508 -5.35 -2.34 -30.31
CA ALA B 508 -6.30 -3.23 -30.99
C ALA B 508 -7.60 -2.55 -31.39
N ASP B 509 -8.05 -1.54 -30.66
CA ASP B 509 -9.38 -1.01 -30.86
C ASP B 509 -9.59 -0.31 -32.21
N ARG B 510 -8.56 0.33 -32.71
CA ARG B 510 -8.61 1.08 -33.98
C ARG B 510 -7.48 0.60 -34.86
N ASN B 511 -6.86 -0.51 -34.45
CA ASN B 511 -5.84 -1.17 -35.21
C ASN B 511 -4.70 -0.27 -35.62
N THR B 512 -4.19 0.47 -34.64
CA THR B 512 -3.05 1.38 -34.86
C THR B 512 -1.82 0.96 -34.06
N MET B 513 -0.66 1.43 -34.45
CA MET B 513 0.49 1.30 -33.63
C MET B 513 0.68 2.68 -33.03
N PHE B 514 0.55 2.77 -31.70
CA PHE B 514 0.80 4.04 -31.00
C PHE B 514 2.29 4.18 -30.77
N GLY B 515 2.82 5.43 -30.80
CA GLY B 515 4.21 5.66 -30.59
C GLY B 515 4.47 7.05 -30.05
N PHE B 516 5.53 7.19 -29.27
CA PHE B 516 6.00 8.52 -28.79
C PHE B 516 7.51 8.58 -28.92
N GLY B 517 8.00 9.36 -29.86
CA GLY B 517 9.40 9.51 -29.99
C GLY B 517 9.75 10.70 -29.13
N GLY B 518 10.57 10.45 -28.09
CA GLY B 518 10.73 11.37 -26.98
C GLY B 518 11.84 12.29 -27.10
N SER B 519 12.75 12.08 -28.07
CA SER B 519 13.95 12.95 -28.16
C SER B 519 14.36 13.37 -29.57
N ILE B 520 13.36 13.58 -30.44
CA ILE B 520 13.61 14.09 -31.81
C ILE B 520 14.26 15.49 -31.66
N HIS B 521 15.35 15.67 -32.39
CA HIS B 521 16.16 16.90 -32.39
C HIS B 521 16.80 17.21 -31.07
N LEU B 522 17.04 16.17 -30.29
CA LEU B 522 17.68 16.39 -28.99
C LEU B 522 18.95 17.20 -29.17
N PHE B 523 19.66 16.93 -30.28
CA PHE B 523 21.00 17.47 -30.46
C PHE B 523 21.12 18.83 -31.13
N ASP B 524 19.99 19.38 -31.56
CA ASP B 524 19.97 20.67 -32.18
C ASP B 524 20.16 21.70 -31.10
N VAL B 525 21.42 22.03 -30.85
CA VAL B 525 21.75 23.03 -29.82
C VAL B 525 20.88 24.23 -29.91
N GLY B 526 20.21 24.55 -28.81
CA GLY B 526 19.43 25.75 -28.71
C GLY B 526 18.01 25.53 -29.13
N GLN B 527 17.68 24.36 -29.61
CA GLN B 527 16.31 24.11 -30.04
C GLN B 527 15.52 23.25 -29.02
N PRO B 528 14.22 23.52 -28.88
CA PRO B 528 13.40 22.66 -28.09
C PRO B 528 13.46 21.24 -28.63
N THR B 529 13.28 20.25 -27.75
CA THR B 529 13.30 18.85 -28.13
C THR B 529 11.87 18.46 -28.43
N VAL B 530 11.73 17.58 -29.40
CA VAL B 530 10.43 17.21 -29.87
C VAL B 530 10.01 15.86 -29.36
N GLY B 531 8.82 15.82 -28.73
CA GLY B 531 8.16 14.58 -28.40
C GLY B 531 7.03 14.38 -29.34
N LYS B 532 7.13 13.37 -30.19
CA LYS B 532 6.18 13.19 -31.25
C LYS B 532 5.25 12.07 -30.93
N LEU B 533 3.98 12.39 -30.73
CA LEU B 533 2.95 11.41 -30.52
C LEU B 533 2.42 10.93 -31.90
N ASN B 534 2.35 9.62 -32.10
CA ASN B 534 1.88 9.09 -33.34
C ASN B 534 0.95 7.93 -33.18
N GLU B 535 -0.06 7.83 -34.05
CA GLU B 535 -0.81 6.58 -34.25
C GLU B 535 -0.77 6.32 -35.76
N ILE B 536 -0.25 5.15 -36.13
CA ILE B 536 0.04 4.72 -37.48
C ILE B 536 -0.86 3.54 -37.76
N ASP B 537 -1.64 3.60 -38.83
CA ASP B 537 -2.61 2.56 -39.17
C ASP B 537 -1.84 1.28 -39.41
N TYR B 538 -2.19 0.24 -38.68
CA TYR B 538 -1.45 -0.99 -38.76
C TYR B 538 -1.48 -1.63 -40.16
N LYS B 539 -2.61 -1.52 -40.84
CA LYS B 539 -2.81 -2.12 -42.17
C LYS B 539 -2.17 -1.32 -43.31
N THR B 540 -2.38 -0.01 -43.30
CA THR B 540 -2.02 0.86 -44.41
C THR B 540 -0.77 1.70 -44.17
N LYS B 541 -0.31 1.78 -42.95
CA LYS B 541 0.84 2.62 -42.52
C LYS B 541 0.57 4.09 -42.61
N GLU B 542 -0.69 4.42 -42.82
CA GLU B 542 -1.14 5.80 -42.84
C GLU B 542 -1.07 6.46 -41.46
N VAL B 543 -0.63 7.70 -41.42
CA VAL B 543 -0.66 8.47 -40.21
C VAL B 543 -2.08 8.90 -39.80
N LYS B 544 -2.64 8.33 -38.74
CA LYS B 544 -3.94 8.76 -38.23
C LYS B 544 -3.80 9.92 -37.19
N VAL B 545 -2.74 9.89 -36.38
CA VAL B 545 -2.46 11.02 -35.46
C VAL B 545 -1.00 11.35 -35.52
N GLU B 546 -0.69 12.67 -35.53
CA GLU B 546 0.64 13.11 -35.30
C GLU B 546 0.57 14.41 -34.55
N ILE B 547 1.17 14.46 -33.34
CA ILE B 547 1.14 15.68 -32.53
C ILE B 547 2.50 15.90 -31.89
N ASP B 548 3.02 17.11 -32.00
CA ASP B 548 4.34 17.37 -31.45
C ASP B 548 4.21 18.08 -30.12
N VAL B 549 5.06 17.71 -29.17
CA VAL B 549 5.25 18.43 -27.91
C VAL B 549 6.65 18.99 -27.92
N LEU B 550 6.77 20.24 -27.55
CA LEU B 550 8.03 20.92 -27.52
C LEU B 550 8.43 21.29 -26.10
N SER B 551 9.67 20.94 -25.75
CA SER B 551 10.16 21.07 -24.43
C SER B 551 10.22 22.53 -24.10
N ASP B 552 10.18 22.89 -22.82
CA ASP B 552 10.09 24.28 -22.44
C ASP B 552 11.45 24.88 -22.23
N LYS B 553 12.50 24.07 -22.36
CA LYS B 553 13.87 24.50 -22.38
C LYS B 553 14.50 23.68 -23.49
N PRO B 554 15.55 24.24 -24.09
CA PRO B 554 16.22 23.53 -25.17
C PRO B 554 16.88 22.26 -24.71
N ASN B 555 16.95 21.29 -25.62
CA ASN B 555 17.78 20.11 -25.40
C ASN B 555 17.47 19.41 -24.09
N GLN B 556 16.17 19.14 -23.95
CA GLN B 556 15.56 18.61 -22.77
C GLN B 556 14.63 17.49 -23.18
N THR B 557 15.07 16.27 -22.99
CA THR B 557 14.31 15.10 -23.46
C THR B 557 12.94 14.88 -22.75
N HIS B 558 12.04 14.18 -23.42
CA HIS B 558 10.80 13.66 -22.91
C HIS B 558 11.06 12.21 -22.69
N TYR B 559 10.20 11.51 -21.93
CA TYR B 559 10.50 10.15 -21.62
C TYR B 559 9.51 9.24 -22.36
N ARG B 560 8.24 9.32 -22.01
CA ARG B 560 7.21 8.42 -22.57
C ARG B 560 5.91 9.19 -22.62
N ALA B 561 4.91 8.57 -23.25
CA ALA B 561 3.54 9.03 -23.24
C ALA B 561 2.70 7.76 -23.30
N LEU B 562 1.45 7.92 -22.89
CA LEU B 562 0.46 6.83 -22.85
C LEU B 562 -0.81 7.28 -23.51
N LEU B 563 -1.42 6.35 -24.19
CA LEU B 563 -2.74 6.50 -24.65
C LEU B 563 -3.71 6.09 -23.54
N VAL B 564 -4.38 7.09 -23.02
CA VAL B 564 -5.26 6.94 -21.90
C VAL B 564 -6.71 6.97 -22.35
N ARG B 565 -7.53 6.23 -21.63
CA ARG B 565 -8.93 6.06 -21.94
C ARG B 565 -9.80 6.31 -20.72
N PRO B 566 -10.50 7.47 -20.70
CA PRO B 566 -11.35 7.93 -19.63
C PRO B 566 -12.35 6.95 -19.14
N GLN B 567 -12.80 6.06 -20.01
CA GLN B 567 -13.84 5.09 -19.65
C GLN B 567 -13.30 3.95 -18.76
N GLN B 568 -11.98 3.91 -18.58
CA GLN B 568 -11.31 2.96 -17.70
C GLN B 568 -10.81 3.60 -16.41
N MET B 569 -10.90 4.91 -16.33
CA MET B 569 -10.22 5.65 -15.29
C MET B 569 -10.87 5.52 -13.91
N PHE B 570 -12.19 5.44 -13.85
CA PHE B 570 -12.94 5.38 -12.63
C PHE B 570 -13.85 4.13 -12.63
N LYS B 571 -13.29 3.00 -12.26
CA LYS B 571 -14.00 1.75 -12.27
C LYS B 571 -15.01 1.65 -11.11
C1 NPO C . -12.63 3.01 26.44
C2 NPO C . -14.01 2.80 26.50
C3 NPO C . -14.63 1.99 25.53
C4 NPO C . -13.86 1.41 24.54
C5 NPO C . -12.48 1.60 24.50
C6 NPO C . -11.85 2.40 25.46
OH NPO C . -14.49 0.60 23.66
N1 NPO C . -12.04 3.85 27.37
O2 NPO C . -12.72 4.54 28.14
O3 NPO C . -10.82 3.89 27.37
S SO4 D . -32.83 10.75 16.51
O1 SO4 D . -31.91 10.28 15.50
O2 SO4 D . -34.03 9.94 16.27
O3 SO4 D . -32.40 10.32 17.85
O4 SO4 D . -32.92 12.23 16.72
S SO4 E . 15.25 -21.41 1.80
O1 SO4 E . 15.40 -21.60 0.34
O2 SO4 E . 13.81 -21.44 2.13
O3 SO4 E . 15.88 -22.51 2.52
O4 SO4 E . 15.88 -20.12 2.18
S SO4 F . 2.98 -26.89 19.13
O1 SO4 F . 3.04 -27.93 18.08
O2 SO4 F . 1.87 -27.18 20.04
O3 SO4 F . 4.25 -27.01 19.90
O4 SO4 F . 2.75 -25.59 18.50
C1 NPO G . 18.10 9.96 -20.11
C2 NPO G . 19.13 9.13 -20.46
C3 NPO G . 18.92 7.77 -20.52
C4 NPO G . 17.67 7.27 -20.26
C5 NPO G . 16.61 8.08 -19.90
C6 NPO G . 16.82 9.47 -19.83
OH NPO G . 17.54 5.99 -20.34
N1 NPO G . 18.38 11.29 -20.00
O2 NPO G . 19.48 11.77 -20.33
O3 NPO G . 17.49 11.92 -19.52
S SO4 H . 35.42 -5.04 -13.91
O1 SO4 H . 35.59 -6.10 -14.93
O2 SO4 H . 34.09 -5.38 -13.39
O3 SO4 H . 36.51 -5.04 -12.94
O4 SO4 H . 35.55 -3.77 -14.60
S SO4 I . -23.97 1.05 -11.07
O1 SO4 I . -22.96 0.07 -11.49
O2 SO4 I . -25.17 0.36 -10.60
O3 SO4 I . -23.53 2.02 -10.02
O4 SO4 I . -24.34 1.92 -12.18
S SO4 J . -13.56 2.52 -30.15
O1 SO4 J . -12.82 1.92 -31.29
O2 SO4 J . -14.83 1.82 -29.93
O3 SO4 J . -12.76 2.48 -28.92
O4 SO4 J . -13.90 3.89 -30.49
#